data_1ADI
#
_entry.id   1ADI
#
_cell.length_a   73.420
_cell.length_b   93.630
_cell.length_c   119.470
_cell.angle_alpha   90.00
_cell.angle_beta   90.00
_cell.angle_gamma   90.00
#
_symmetry.space_group_name_H-M   'P 21 21 21'
#
loop_
_entity.id
_entity.type
_entity.pdbx_description
1 polymer 'ADENYLOSUCCINATE SYNTHETASE'
2 water water
#
_entity_poly.entity_id   1
_entity_poly.type   'polypeptide(L)'
_entity_poly.pdbx_seq_one_letter_code
;GNNVVVLGTQWGDEGKGKIVDLLTERAKYVVRYQGGHNAGHTLVINGEKTVLHLIPSGILRENVTSIIGNGVVLSPAALM
KEMKELEDRGIPVRERLLLSEACPLILDYHVALDNAREKARGAKAIGTTGRGIGPAYEDKVARRGLRVGDLFDKETFAEK
LKEVMEYHNFQLVNYYKAEAVDYQKVLDDTMAVADILTSMVVDVSDLLDQARQRGDFVMFEGAQGTLLDIDHGTYPYVTS
SNTTAGGVATGSGLGPRYVDYVLGILKAYSTRVGAGPFPTELFDETGEFLCKQGNEFGATTGRRRRTGWLDTVAVRRAVQ
LNSLSGFCLTKLDVLDGLKEVKLCVAYRMPDGREVTTTPLAADDWKGVEPIYETMPGWSESTFGVKDRSGLPQAALNYIK
RIEELTGVPIDIISTGPDRTETMILRDPFDA
;
_entity_poly.pdbx_strand_id   A,B
#
# COMPACT_ATOMS: atom_id res chain seq x y z
N GLY A 1 20.42 -5.47 -9.83
CA GLY A 1 19.52 -5.92 -8.80
C GLY A 1 18.70 -7.01 -9.45
N ASN A 2 18.45 -8.09 -8.71
CA ASN A 2 17.66 -9.20 -9.22
C ASN A 2 16.20 -8.80 -9.23
N ASN A 3 15.77 -7.97 -8.28
CA ASN A 3 14.39 -7.54 -8.21
C ASN A 3 14.26 -6.13 -8.77
N VAL A 4 13.64 -6.04 -9.93
CA VAL A 4 13.48 -4.77 -10.59
C VAL A 4 12.01 -4.38 -10.70
N VAL A 5 11.73 -3.11 -10.42
CA VAL A 5 10.38 -2.55 -10.54
C VAL A 5 10.43 -1.53 -11.68
N VAL A 6 9.60 -1.76 -12.70
CA VAL A 6 9.49 -0.88 -13.84
C VAL A 6 8.22 0.00 -13.74
N LEU A 7 8.41 1.31 -13.77
CA LEU A 7 7.24 2.16 -13.73
C LEU A 7 7.52 3.55 -14.26
N GLY A 8 6.43 4.23 -14.63
CA GLY A 8 6.45 5.57 -15.19
C GLY A 8 6.42 6.64 -14.13
N THR A 9 7.15 7.69 -14.37
CA THR A 9 7.25 8.77 -13.40
C THR A 9 6.45 10.03 -13.63
N GLN A 10 5.58 10.07 -14.63
CA GLN A 10 4.77 11.26 -14.90
C GLN A 10 3.27 11.03 -14.77
N TRP A 11 2.51 11.16 -15.87
CA TRP A 11 1.06 10.97 -15.90
C TRP A 11 0.69 9.91 -16.94
N GLY A 12 1.56 8.94 -17.20
CA GLY A 12 1.27 7.93 -18.22
C GLY A 12 1.93 8.30 -19.53
N ASP A 13 1.75 7.48 -20.55
CA ASP A 13 2.30 7.79 -21.88
C ASP A 13 3.79 7.94 -21.95
N GLU A 14 4.50 7.59 -20.89
CA GLU A 14 5.95 7.72 -20.91
C GLU A 14 6.53 6.74 -21.96
N GLY A 15 5.74 5.73 -22.31
CA GLY A 15 6.17 4.73 -23.27
C GLY A 15 7.05 3.73 -22.54
N LYS A 16 6.42 2.92 -21.70
N LYS A 16 6.44 2.91 -21.70
CA LYS A 16 7.15 1.90 -20.94
CA LYS A 16 7.21 1.91 -20.97
C LYS A 16 7.26 0.57 -21.68
C LYS A 16 7.30 0.59 -21.73
N GLY A 17 6.40 0.40 -22.70
CA GLY A 17 6.33 -0.83 -23.49
C GLY A 17 7.58 -1.45 -24.08
N LYS A 18 8.30 -0.67 -24.87
CA LYS A 18 9.50 -1.16 -25.48
C LYS A 18 10.47 -1.59 -24.38
N ILE A 19 10.70 -0.69 -23.41
CA ILE A 19 11.61 -1.01 -22.31
C ILE A 19 11.19 -2.31 -21.56
N VAL A 20 9.92 -2.41 -21.17
CA VAL A 20 9.38 -3.59 -20.46
C VAL A 20 9.64 -4.84 -21.28
N ASP A 21 9.45 -4.76 -22.60
CA ASP A 21 9.72 -5.90 -23.49
C ASP A 21 11.21 -6.30 -23.49
N LEU A 22 12.08 -5.31 -23.41
CA LEU A 22 13.52 -5.56 -23.40
C LEU A 22 14.04 -6.26 -22.15
N LEU A 23 13.68 -5.71 -20.98
CA LEU A 23 14.09 -6.24 -19.66
C LEU A 23 13.56 -7.69 -19.48
N THR A 24 12.39 -7.94 -20.06
CA THR A 24 11.70 -9.25 -20.03
C THR A 24 12.44 -10.32 -20.85
N GLU A 25 13.72 -10.08 -21.09
CA GLU A 25 14.55 -11.00 -21.85
C GLU A 25 15.37 -11.70 -20.81
N ARG A 26 15.73 -10.97 -19.76
CA ARG A 26 16.55 -11.56 -18.72
C ARG A 26 15.72 -11.96 -17.53
N ALA A 27 14.57 -11.31 -17.36
CA ALA A 27 13.66 -11.64 -16.25
C ALA A 27 13.34 -13.12 -16.26
N LYS A 28 13.23 -13.70 -15.06
CA LYS A 28 12.86 -15.11 -14.94
C LYS A 28 11.36 -15.06 -14.70
N TYR A 29 10.93 -14.09 -13.90
CA TYR A 29 9.50 -13.87 -13.57
C TYR A 29 9.10 -12.42 -13.83
N VAL A 30 7.91 -12.20 -14.37
CA VAL A 30 7.39 -10.83 -14.58
C VAL A 30 6.11 -10.68 -13.73
N VAL A 31 6.04 -9.65 -12.91
CA VAL A 31 4.87 -9.53 -12.03
C VAL A 31 4.01 -8.26 -12.06
N ARG A 32 2.70 -8.46 -12.00
CA ARG A 32 1.73 -7.37 -11.90
C ARG A 32 1.38 -7.24 -10.40
N TYR A 33 1.47 -6.03 -9.87
CA TYR A 33 1.16 -5.81 -8.46
C TYR A 33 0.02 -4.83 -8.17
N GLN A 34 -0.58 -4.21 -9.20
CA GLN A 34 -1.69 -3.27 -8.98
C GLN A 34 -2.48 -3.00 -10.28
N GLY A 35 -3.61 -2.30 -10.13
CA GLY A 35 -4.45 -1.96 -11.27
C GLY A 35 -5.26 -3.15 -11.68
N GLY A 36 -5.87 -3.10 -12.88
CA GLY A 36 -6.66 -4.24 -13.35
C GLY A 36 -6.47 -4.51 -14.84
N HIS A 37 -7.54 -4.39 -15.65
CA HIS A 37 -7.48 -4.57 -17.13
C HIS A 37 -7.42 -3.21 -17.84
N ASN A 38 -6.31 -2.51 -17.62
CA ASN A 38 -6.12 -1.22 -18.24
C ASN A 38 -4.63 -0.92 -18.23
N ALA A 39 -3.87 -1.82 -18.87
CA ALA A 39 -2.43 -1.68 -18.98
C ALA A 39 -1.99 -1.33 -20.40
N GLY A 40 -2.87 -1.56 -21.37
CA GLY A 40 -2.57 -1.26 -22.76
C GLY A 40 -1.18 -1.58 -23.32
N HIS A 41 -0.62 -2.76 -23.02
CA HIS A 41 0.68 -3.07 -23.61
C HIS A 41 0.32 -3.57 -25.02
N THR A 42 0.92 -2.93 -26.02
CA THR A 42 0.63 -3.25 -27.42
C THR A 42 1.63 -4.26 -27.95
N LEU A 43 1.16 -5.19 -28.78
CA LEU A 43 2.03 -6.23 -29.32
C LEU A 43 1.76 -6.54 -30.79
N VAL A 44 2.76 -7.15 -31.42
CA VAL A 44 2.66 -7.60 -32.79
C VAL A 44 3.04 -9.08 -32.66
N ILE A 45 2.07 -9.94 -32.97
CA ILE A 45 2.24 -11.40 -32.89
C ILE A 45 1.80 -11.99 -34.22
N ASN A 46 2.68 -12.73 -34.87
CA ASN A 46 2.38 -13.37 -36.13
C ASN A 46 1.64 -12.47 -37.15
N GLY A 47 2.16 -11.26 -37.36
CA GLY A 47 1.52 -10.35 -38.29
C GLY A 47 0.23 -9.74 -37.76
N GLU A 48 -0.02 -9.90 -36.46
CA GLU A 48 -1.20 -9.34 -35.82
C GLU A 48 -0.80 -8.42 -34.66
N LYS A 49 -1.31 -7.19 -34.67
CA LYS A 49 -1.02 -6.24 -33.61
C LYS A 49 -2.18 -6.37 -32.62
N THR A 50 -1.86 -6.91 -31.45
CA THR A 50 -2.86 -7.12 -30.41
C THR A 50 -2.52 -6.22 -29.22
N VAL A 51 -3.47 -6.04 -28.32
CA VAL A 51 -3.23 -5.23 -27.14
C VAL A 51 -3.62 -6.06 -25.92
N LEU A 52 -2.73 -6.12 -24.93
CA LEU A 52 -2.93 -6.87 -23.68
C LEU A 52 -3.11 -5.93 -22.51
N HIS A 53 -4.24 -6.07 -21.82
CA HIS A 53 -4.53 -5.21 -20.67
C HIS A 53 -4.32 -5.89 -19.32
N LEU A 54 -4.26 -7.22 -19.32
CA LEU A 54 -4.15 -8.00 -18.10
C LEU A 54 -2.98 -8.95 -18.05
N ILE A 55 -2.85 -9.82 -19.05
CA ILE A 55 -1.76 -10.79 -19.04
C ILE A 55 -0.38 -10.13 -19.29
N PRO A 56 0.59 -10.41 -18.42
CA PRO A 56 1.87 -9.77 -18.69
C PRO A 56 2.45 -10.15 -20.09
N SER A 57 3.13 -9.18 -20.70
CA SER A 57 3.78 -9.26 -22.03
C SER A 57 4.80 -10.36 -22.04
N GLY A 58 5.37 -10.64 -20.88
CA GLY A 58 6.38 -11.68 -20.76
C GLY A 58 5.81 -13.03 -21.16
N ILE A 59 4.49 -13.10 -21.32
CA ILE A 59 3.87 -14.35 -21.70
C ILE A 59 4.37 -14.85 -23.08
N LEU A 60 5.02 -13.96 -23.85
CA LEU A 60 5.56 -14.33 -25.16
C LEU A 60 6.87 -15.11 -25.01
N ARG A 61 7.77 -14.64 -24.15
CA ARG A 61 9.05 -15.32 -23.94
C ARG A 61 8.86 -16.79 -23.45
N GLU A 62 9.58 -17.72 -24.07
CA GLU A 62 9.47 -19.12 -23.67
C GLU A 62 9.83 -19.41 -22.21
N ASN A 63 11.03 -19.06 -21.77
CA ASN A 63 11.39 -19.39 -20.42
C ASN A 63 11.04 -18.42 -19.29
N VAL A 64 9.93 -17.73 -19.42
CA VAL A 64 9.52 -16.77 -18.42
C VAL A 64 8.15 -17.16 -17.84
N THR A 65 7.91 -16.82 -16.57
CA THR A 65 6.63 -17.10 -15.92
C THR A 65 5.96 -15.79 -15.57
N SER A 66 4.73 -15.62 -16.04
CA SER A 66 3.94 -14.40 -15.80
C SER A 66 3.02 -14.64 -14.62
N ILE A 67 3.09 -13.75 -13.64
CA ILE A 67 2.32 -13.87 -12.40
C ILE A 67 1.41 -12.68 -12.12
N ILE A 68 0.15 -12.93 -11.80
CA ILE A 68 -0.67 -11.78 -11.45
C ILE A 68 -0.83 -11.71 -9.91
N GLY A 69 -0.16 -10.73 -9.30
CA GLY A 69 -0.18 -10.54 -7.85
C GLY A 69 -1.49 -10.12 -7.19
N ASN A 70 -1.64 -10.40 -5.89
CA ASN A 70 -2.87 -10.04 -5.13
C ASN A 70 -3.35 -8.57 -5.23
N GLY A 71 -2.44 -7.65 -5.57
CA GLY A 71 -2.82 -6.26 -5.75
C GLY A 71 -3.68 -6.04 -7.01
N VAL A 72 -3.67 -6.99 -7.95
CA VAL A 72 -4.44 -6.83 -9.16
C VAL A 72 -5.89 -7.24 -8.91
N VAL A 73 -6.84 -6.51 -9.51
CA VAL A 73 -8.27 -6.83 -9.40
C VAL A 73 -8.55 -7.67 -10.65
N LEU A 74 -9.24 -8.80 -10.50
CA LEU A 74 -9.38 -9.69 -11.65
C LEU A 74 -10.76 -9.89 -12.25
N SER A 75 -10.79 -9.95 -13.59
CA SER A 75 -12.00 -10.17 -14.36
C SER A 75 -11.87 -11.47 -15.13
N PRO A 76 -12.65 -12.50 -14.76
CA PRO A 76 -12.56 -13.77 -15.50
C PRO A 76 -12.84 -13.49 -16.95
N ALA A 77 -13.77 -12.56 -17.21
CA ALA A 77 -14.13 -12.18 -18.56
C ALA A 77 -12.91 -11.65 -19.27
N ALA A 78 -12.39 -10.52 -18.79
CA ALA A 78 -11.21 -9.90 -19.37
C ALA A 78 -10.11 -10.94 -19.58
N LEU A 79 -9.80 -11.68 -18.52
CA LEU A 79 -8.80 -12.73 -18.53
C LEU A 79 -9.10 -13.73 -19.66
N MET A 80 -10.22 -14.45 -19.52
CA MET A 80 -10.63 -15.42 -20.51
C MET A 80 -10.54 -14.84 -21.92
N LYS A 81 -10.80 -13.55 -22.07
CA LYS A 81 -10.69 -12.96 -23.40
C LYS A 81 -9.23 -13.03 -23.95
N GLU A 82 -8.28 -12.48 -23.19
CA GLU A 82 -6.88 -12.45 -23.65
C GLU A 82 -6.30 -13.85 -23.71
N MET A 83 -6.72 -14.71 -22.81
CA MET A 83 -6.24 -16.08 -22.81
C MET A 83 -6.53 -16.63 -24.21
N LYS A 84 -7.77 -16.46 -24.67
CA LYS A 84 -8.20 -16.94 -25.99
C LYS A 84 -7.37 -16.43 -27.18
N GLU A 85 -7.21 -15.11 -27.27
CA GLU A 85 -6.42 -14.51 -28.35
C GLU A 85 -5.01 -15.10 -28.41
N LEU A 86 -4.29 -15.11 -27.29
CA LEU A 86 -2.93 -15.68 -27.27
C LEU A 86 -2.88 -17.17 -27.61
N GLU A 87 -3.75 -17.97 -27.01
CA GLU A 87 -3.72 -19.40 -27.28
C GLU A 87 -3.98 -19.68 -28.76
N ASP A 88 -4.88 -18.89 -29.35
CA ASP A 88 -5.20 -19.04 -30.76
C ASP A 88 -3.98 -18.75 -31.61
N ARG A 89 -3.16 -17.79 -31.17
CA ARG A 89 -1.96 -17.42 -31.91
C ARG A 89 -0.76 -18.34 -31.59
N GLY A 90 -1.04 -19.61 -31.26
CA GLY A 90 0.02 -20.57 -30.94
C GLY A 90 0.73 -20.48 -29.57
N ILE A 91 0.34 -19.52 -28.72
CA ILE A 91 0.95 -19.35 -27.41
C ILE A 91 0.14 -20.08 -26.32
N PRO A 92 0.78 -20.95 -25.52
CA PRO A 92 0.09 -21.69 -24.45
C PRO A 92 0.14 -20.91 -23.11
N VAL A 93 -0.85 -20.02 -22.91
CA VAL A 93 -0.88 -19.20 -21.73
C VAL A 93 -1.10 -19.93 -20.42
N ARG A 94 -2.01 -20.90 -20.44
CA ARG A 94 -2.31 -21.67 -19.25
C ARG A 94 -1.14 -22.45 -18.69
N GLU A 95 -0.04 -22.58 -19.43
CA GLU A 95 1.07 -23.28 -18.85
C GLU A 95 2.13 -22.34 -18.35
N ARG A 96 2.09 -21.10 -18.79
CA ARG A 96 3.06 -20.09 -18.34
C ARG A 96 2.44 -18.96 -17.50
N LEU A 97 1.17 -19.09 -17.09
CA LEU A 97 0.52 -18.01 -16.30
C LEU A 97 0.11 -18.43 -14.90
N LEU A 98 0.47 -17.63 -13.92
CA LEU A 98 0.14 -17.95 -12.56
C LEU A 98 -0.56 -16.80 -11.86
N LEU A 99 -1.49 -17.13 -10.97
CA LEU A 99 -2.18 -16.13 -10.19
C LEU A 99 -2.33 -16.44 -8.69
N SER A 100 -2.50 -15.34 -7.95
CA SER A 100 -2.71 -15.33 -6.52
C SER A 100 -4.15 -15.66 -6.20
N GLU A 101 -4.38 -16.40 -5.12
CA GLU A 101 -5.72 -16.78 -4.69
C GLU A 101 -6.37 -15.57 -3.99
N ALA A 102 -5.55 -14.60 -3.58
CA ALA A 102 -6.06 -13.41 -2.91
C ALA A 102 -6.56 -12.33 -3.88
N CYS A 103 -6.47 -12.56 -5.19
CA CYS A 103 -6.94 -11.52 -6.14
C CYS A 103 -8.45 -11.40 -6.04
N PRO A 104 -8.97 -10.17 -5.87
CA PRO A 104 -10.41 -9.82 -5.78
C PRO A 104 -10.98 -9.91 -7.18
N LEU A 105 -12.25 -10.30 -7.28
CA LEU A 105 -12.97 -10.46 -8.55
C LEU A 105 -13.82 -9.27 -9.03
N ILE A 106 -13.87 -9.09 -10.35
CA ILE A 106 -14.72 -8.06 -10.91
C ILE A 106 -15.79 -8.81 -11.70
N LEU A 107 -17.04 -8.65 -11.29
CA LEU A 107 -18.12 -9.31 -12.00
C LEU A 107 -19.05 -8.17 -12.46
N ASP A 108 -20.04 -8.52 -13.28
CA ASP A 108 -20.96 -7.52 -13.83
C ASP A 108 -21.55 -6.53 -12.82
N TYR A 109 -21.97 -7.02 -11.65
CA TYR A 109 -22.52 -6.12 -10.65
C TYR A 109 -21.59 -4.96 -10.37
N HIS A 110 -20.29 -5.25 -10.38
CA HIS A 110 -19.27 -4.23 -10.16
C HIS A 110 -19.24 -3.21 -11.31
N VAL A 111 -19.26 -3.72 -12.54
CA VAL A 111 -19.25 -2.90 -13.75
C VAL A 111 -20.41 -1.96 -13.74
N ALA A 112 -21.59 -2.51 -13.51
CA ALA A 112 -22.81 -1.74 -13.44
C ALA A 112 -22.60 -0.55 -12.48
N LEU A 113 -22.20 -0.80 -11.22
CA LEU A 113 -22.00 0.32 -10.28
C LEU A 113 -21.12 1.42 -10.91
N ASP A 114 -20.12 1.07 -11.71
CA ASP A 114 -19.26 2.10 -12.32
C ASP A 114 -20.05 2.97 -13.30
N ASN A 115 -20.83 2.31 -14.17
CA ASN A 115 -21.65 3.00 -15.16
C ASN A 115 -22.69 3.93 -14.58
N ALA A 116 -23.45 3.39 -13.61
CA ALA A 116 -24.47 4.14 -12.91
C ALA A 116 -23.76 5.30 -12.18
N ARG A 117 -22.75 4.98 -11.35
CA ARG A 117 -21.98 5.98 -10.59
C ARG A 117 -21.43 6.99 -11.56
N GLU A 118 -21.36 6.62 -12.83
CA GLU A 118 -20.87 7.53 -13.83
C GLU A 118 -21.94 8.28 -14.64
N LYS A 119 -22.66 7.57 -15.50
CA LYS A 119 -23.65 8.20 -16.38
C LYS A 119 -24.67 9.02 -15.60
N ALA A 120 -25.20 8.42 -14.54
CA ALA A 120 -26.20 9.05 -13.68
C ALA A 120 -25.57 10.19 -12.90
N ARG A 121 -24.79 9.88 -11.87
CA ARG A 121 -24.17 10.94 -11.05
C ARG A 121 -23.04 11.65 -11.81
N GLY A 122 -23.34 11.98 -13.06
CA GLY A 122 -22.42 12.65 -13.94
C GLY A 122 -23.30 13.01 -15.10
N ALA A 123 -22.97 12.54 -16.30
CA ALA A 123 -23.75 12.83 -17.49
C ALA A 123 -23.16 12.19 -18.72
N LYS A 124 -21.84 12.27 -18.84
CA LYS A 124 -21.16 11.68 -19.99
C LYS A 124 -19.97 10.86 -19.51
N ALA A 125 -19.63 9.81 -20.25
CA ALA A 125 -18.50 8.96 -19.92
C ALA A 125 -18.29 7.90 -21.00
N ILE A 126 -17.07 7.38 -21.05
CA ILE A 126 -16.70 6.35 -22.02
C ILE A 126 -15.86 5.27 -21.33
N GLY A 127 -14.87 5.72 -20.56
CA GLY A 127 -13.97 4.80 -19.91
C GLY A 127 -13.13 4.29 -21.07
N THR A 128 -12.84 3.00 -21.04
CA THR A 128 -12.08 2.32 -22.06
C THR A 128 -12.29 0.88 -21.64
N THR A 129 -11.50 0.46 -20.67
CA THR A 129 -11.57 -0.90 -20.19
C THR A 129 -11.41 -0.98 -18.67
N GLY A 130 -11.18 0.16 -18.00
CA GLY A 130 -11.08 0.17 -16.55
C GLY A 130 -12.28 -0.67 -16.13
N ARG A 131 -13.45 -0.01 -16.08
CA ARG A 131 -14.69 -0.70 -15.78
C ARG A 131 -14.87 -1.62 -14.57
N GLY A 132 -15.28 -1.03 -13.45
CA GLY A 132 -15.57 -1.80 -12.26
C GLY A 132 -14.40 -1.99 -11.30
N ILE A 133 -13.22 -1.57 -11.74
CA ILE A 133 -12.07 -1.69 -10.91
C ILE A 133 -12.34 -1.02 -9.54
N GLY A 134 -12.68 0.27 -9.55
CA GLY A 134 -12.99 0.98 -8.31
C GLY A 134 -13.94 0.20 -7.41
N PRO A 135 -15.08 -0.31 -7.93
CA PRO A 135 -15.97 -1.08 -7.05
C PRO A 135 -15.30 -2.34 -6.44
N ALA A 136 -14.77 -3.26 -7.27
CA ALA A 136 -14.13 -4.48 -6.76
C ALA A 136 -13.16 -4.20 -5.58
N TYR A 137 -12.55 -3.02 -5.63
CA TYR A 137 -11.64 -2.57 -4.59
C TYR A 137 -12.44 -2.19 -3.34
N GLU A 138 -13.52 -1.41 -3.49
CA GLU A 138 -14.33 -1.04 -2.32
C GLU A 138 -14.90 -2.30 -1.57
N ASP A 139 -15.24 -3.36 -2.34
CA ASP A 139 -15.79 -4.60 -1.80
C ASP A 139 -14.78 -5.34 -0.97
N LYS A 140 -13.53 -5.18 -1.38
CA LYS A 140 -12.39 -5.82 -0.74
C LYS A 140 -12.18 -5.18 0.63
N VAL A 141 -12.20 -3.85 0.65
CA VAL A 141 -12.00 -3.07 1.86
C VAL A 141 -13.11 -3.24 2.92
N ALA A 142 -14.37 -3.35 2.47
CA ALA A 142 -15.53 -3.55 3.36
C ALA A 142 -15.58 -5.05 3.80
N ARG A 143 -14.88 -5.86 3.03
CA ARG A 143 -14.79 -7.30 3.20
C ARG A 143 -16.00 -8.11 2.80
N ARG A 144 -16.63 -7.76 1.66
CA ARG A 144 -17.81 -8.52 1.15
C ARG A 144 -17.30 -9.32 -0.03
N GLY A 145 -16.38 -8.71 -0.75
CA GLY A 145 -15.84 -9.27 -1.97
C GLY A 145 -15.54 -10.74 -1.99
N LEU A 146 -15.20 -11.20 -3.19
CA LEU A 146 -14.87 -12.59 -3.49
C LEU A 146 -13.54 -12.56 -4.15
N ARG A 147 -12.69 -13.48 -3.73
CA ARG A 147 -11.35 -13.62 -4.23
C ARG A 147 -11.33 -14.85 -5.10
N VAL A 148 -10.13 -15.17 -5.62
CA VAL A 148 -9.93 -16.33 -6.49
C VAL A 148 -10.09 -17.66 -5.70
N GLY A 149 -9.56 -17.68 -4.49
CA GLY A 149 -9.65 -18.85 -3.63
C GLY A 149 -11.08 -19.29 -3.25
N ASP A 150 -12.04 -18.37 -3.32
CA ASP A 150 -13.43 -18.71 -3.00
C ASP A 150 -13.92 -19.78 -3.98
N LEU A 151 -13.26 -19.86 -5.12
CA LEU A 151 -13.63 -20.80 -6.17
C LEU A 151 -13.16 -22.24 -5.98
N PHE A 152 -12.59 -22.53 -4.81
CA PHE A 152 -12.14 -23.89 -4.52
C PHE A 152 -13.35 -24.62 -3.93
N ASP A 153 -14.16 -23.85 -3.22
CA ASP A 153 -15.39 -24.34 -2.60
C ASP A 153 -16.53 -23.72 -3.42
N LYS A 154 -16.88 -24.39 -4.51
CA LYS A 154 -17.95 -23.94 -5.37
C LYS A 154 -19.23 -23.59 -4.63
N GLU A 155 -19.67 -24.42 -3.67
CA GLU A 155 -20.93 -24.12 -2.95
C GLU A 155 -20.92 -22.78 -2.24
N THR A 156 -19.98 -22.64 -1.32
CA THR A 156 -19.85 -21.43 -0.54
C THR A 156 -19.77 -20.19 -1.47
N PHE A 157 -19.04 -20.28 -2.57
CA PHE A 157 -18.97 -19.17 -3.50
C PHE A 157 -20.42 -18.77 -3.78
N ALA A 158 -21.21 -19.77 -4.17
CA ALA A 158 -22.60 -19.55 -4.50
C ALA A 158 -23.40 -18.72 -3.51
N GLU A 159 -23.42 -19.12 -2.22
CA GLU A 159 -24.16 -18.35 -1.18
C GLU A 159 -23.48 -17.00 -0.93
N LYS A 160 -22.14 -17.02 -0.90
CA LYS A 160 -21.33 -15.84 -0.71
C LYS A 160 -21.77 -14.82 -1.75
N LEU A 161 -21.82 -15.30 -3.00
CA LEU A 161 -22.20 -14.49 -4.15
C LEU A 161 -23.57 -13.90 -3.95
N LYS A 162 -24.54 -14.77 -3.72
CA LYS A 162 -25.93 -14.35 -3.52
C LYS A 162 -26.10 -13.19 -2.51
N GLU A 163 -25.27 -13.16 -1.47
CA GLU A 163 -25.31 -12.07 -0.47
C GLU A 163 -24.82 -10.76 -1.04
N VAL A 164 -23.62 -10.76 -1.62
CA VAL A 164 -23.07 -9.53 -2.19
C VAL A 164 -24.01 -8.96 -3.26
N MET A 165 -24.49 -9.84 -4.13
CA MET A 165 -25.37 -9.40 -5.20
C MET A 165 -26.67 -8.73 -4.73
N GLU A 166 -27.24 -9.18 -3.60
CA GLU A 166 -28.46 -8.56 -3.09
C GLU A 166 -28.22 -7.13 -2.63
N TYR A 167 -27.09 -6.92 -1.96
CA TYR A 167 -26.73 -5.59 -1.47
C TYR A 167 -26.56 -4.65 -2.66
N HIS A 168 -25.76 -5.03 -3.63
CA HIS A 168 -25.54 -4.19 -4.80
C HIS A 168 -26.79 -3.91 -5.60
N ASN A 169 -27.65 -4.90 -5.70
CA ASN A 169 -28.91 -4.72 -6.40
C ASN A 169 -29.80 -3.73 -5.67
N PHE A 170 -29.81 -3.78 -4.34
CA PHE A 170 -30.61 -2.84 -3.63
C PHE A 170 -30.07 -1.44 -3.96
N GLN A 171 -28.77 -1.33 -4.13
CA GLN A 171 -28.20 -0.03 -4.44
C GLN A 171 -28.64 0.42 -5.81
N LEU A 172 -28.46 -0.47 -6.79
CA LEU A 172 -28.81 -0.18 -8.18
C LEU A 172 -30.24 0.31 -8.46
N VAL A 173 -31.20 -0.58 -8.26
CA VAL A 173 -32.58 -0.29 -8.50
C VAL A 173 -33.08 0.90 -7.65
N ASN A 174 -32.91 0.83 -6.34
CA ASN A 174 -33.41 1.89 -5.48
C ASN A 174 -32.73 3.26 -5.47
N TYR A 175 -31.42 3.32 -5.59
CA TYR A 175 -30.73 4.60 -5.60
C TYR A 175 -30.52 5.15 -7.02
N TYR A 176 -29.93 4.32 -7.88
CA TYR A 176 -29.60 4.72 -9.25
C TYR A 176 -30.71 4.53 -10.28
N LYS A 177 -31.66 3.66 -9.97
CA LYS A 177 -32.74 3.39 -10.90
C LYS A 177 -32.06 2.80 -12.15
N ALA A 178 -31.56 1.58 -11.98
CA ALA A 178 -30.90 0.91 -13.08
C ALA A 178 -31.21 -0.59 -12.99
N GLU A 179 -30.89 -1.31 -14.04
CA GLU A 179 -31.12 -2.74 -14.12
C GLU A 179 -30.49 -3.59 -13.02
N ALA A 180 -31.31 -4.41 -12.36
CA ALA A 180 -30.74 -5.29 -11.34
C ALA A 180 -29.90 -6.28 -12.14
N VAL A 181 -28.93 -6.93 -11.52
CA VAL A 181 -28.10 -7.87 -12.28
C VAL A 181 -28.57 -9.31 -12.00
N ASP A 182 -28.92 -10.06 -13.04
CA ASP A 182 -29.36 -11.42 -12.78
C ASP A 182 -28.26 -12.22 -12.14
N TYR A 183 -28.55 -12.70 -10.95
CA TYR A 183 -27.62 -13.47 -10.17
C TYR A 183 -27.20 -14.77 -10.82
N GLN A 184 -28.12 -15.36 -11.58
CA GLN A 184 -27.90 -16.65 -12.26
C GLN A 184 -26.91 -16.57 -13.40
N LYS A 185 -27.02 -15.53 -14.23
CA LYS A 185 -26.11 -15.33 -15.35
C LYS A 185 -24.66 -15.30 -14.89
N VAL A 186 -24.43 -14.67 -13.74
CA VAL A 186 -23.10 -14.51 -13.13
C VAL A 186 -22.56 -15.80 -12.52
N LEU A 187 -23.42 -16.47 -11.76
CA LEU A 187 -23.05 -17.74 -11.16
C LEU A 187 -22.60 -18.65 -12.32
N ASP A 188 -23.44 -18.73 -13.34
CA ASP A 188 -23.12 -19.56 -14.48
C ASP A 188 -21.88 -19.08 -15.19
N ASP A 189 -21.76 -17.78 -15.42
CA ASP A 189 -20.57 -17.28 -16.08
C ASP A 189 -19.27 -17.58 -15.31
N THR A 190 -19.27 -17.38 -13.99
CA THR A 190 -18.07 -17.68 -13.18
C THR A 190 -17.86 -19.20 -13.04
N MET A 191 -18.93 -19.92 -12.72
CA MET A 191 -18.82 -21.37 -12.63
C MET A 191 -18.23 -22.01 -13.88
N ALA A 192 -18.57 -21.47 -15.03
CA ALA A 192 -18.09 -21.97 -16.31
C ALA A 192 -16.59 -22.06 -16.39
N VAL A 193 -15.89 -21.14 -15.70
CA VAL A 193 -14.41 -21.10 -15.74
C VAL A 193 -13.59 -21.29 -14.43
N ALA A 194 -14.24 -21.57 -13.32
CA ALA A 194 -13.55 -21.73 -12.04
C ALA A 194 -12.33 -22.58 -12.09
N ASP A 195 -12.54 -23.82 -12.54
CA ASP A 195 -11.51 -24.84 -12.62
C ASP A 195 -10.26 -24.41 -13.35
N ILE A 196 -10.40 -23.55 -14.35
CA ILE A 196 -9.26 -23.06 -15.11
C ILE A 196 -8.52 -22.11 -14.19
N LEU A 197 -9.24 -21.09 -13.74
CA LEU A 197 -8.68 -20.09 -12.83
C LEU A 197 -8.02 -20.71 -11.61
N THR A 198 -8.60 -21.76 -11.05
CA THR A 198 -8.00 -22.37 -9.85
C THR A 198 -6.74 -23.18 -10.14
N SER A 199 -6.61 -23.74 -11.34
CA SER A 199 -5.37 -24.49 -11.65
C SER A 199 -4.13 -23.62 -11.98
N MET A 200 -4.28 -22.31 -12.00
CA MET A 200 -3.13 -21.48 -12.31
C MET A 200 -2.76 -20.83 -10.98
N VAL A 201 -3.52 -21.22 -9.94
CA VAL A 201 -3.36 -20.68 -8.58
C VAL A 201 -2.03 -21.08 -7.92
N VAL A 202 -1.48 -20.21 -7.09
CA VAL A 202 -0.25 -20.48 -6.40
C VAL A 202 -0.05 -19.47 -5.27
N ASP A 203 0.80 -19.87 -4.32
CA ASP A 203 1.16 -19.02 -3.19
C ASP A 203 2.27 -18.08 -3.71
N VAL A 204 1.86 -16.91 -4.20
CA VAL A 204 2.73 -15.90 -4.77
C VAL A 204 3.85 -15.38 -3.85
N SER A 205 3.56 -14.97 -2.61
CA SER A 205 4.61 -14.46 -1.73
C SER A 205 5.64 -15.51 -1.34
N ASP A 206 5.23 -16.77 -1.29
CA ASP A 206 6.19 -17.81 -0.97
C ASP A 206 7.14 -18.03 -2.15
N LEU A 207 6.60 -17.99 -3.38
CA LEU A 207 7.41 -18.16 -4.59
C LEU A 207 8.42 -17.01 -4.78
N LEU A 208 8.01 -15.78 -4.51
CA LEU A 208 8.91 -14.66 -4.68
C LEU A 208 10.09 -14.75 -3.74
N ASP A 209 9.83 -15.33 -2.57
CA ASP A 209 10.84 -15.54 -1.52
C ASP A 209 11.73 -16.70 -1.92
N GLN A 210 11.18 -17.74 -2.52
CA GLN A 210 12.02 -18.86 -2.97
C GLN A 210 12.92 -18.27 -4.03
N ALA A 211 12.33 -17.49 -4.95
CA ALA A 211 13.10 -16.84 -6.05
C ALA A 211 14.20 -15.93 -5.52
N ARG A 212 13.89 -15.20 -4.44
CA ARG A 212 14.88 -14.31 -3.90
C ARG A 212 16.10 -15.04 -3.38
N GLN A 213 15.87 -16.24 -2.85
CA GLN A 213 16.97 -17.02 -2.32
C GLN A 213 17.73 -17.79 -3.36
N ARG A 214 17.05 -18.15 -4.44
CA ARG A 214 17.66 -18.91 -5.53
C ARG A 214 18.38 -18.02 -6.53
N GLY A 215 18.29 -16.69 -6.36
CA GLY A 215 18.93 -15.78 -7.29
C GLY A 215 18.11 -15.37 -8.54
N ASP A 216 16.97 -16.01 -8.80
CA ASP A 216 16.20 -15.66 -10.00
C ASP A 216 16.00 -14.13 -10.18
N PHE A 217 15.82 -13.72 -11.44
CA PHE A 217 15.59 -12.31 -11.80
C PHE A 217 14.11 -12.05 -11.87
N VAL A 218 13.63 -11.00 -11.22
CA VAL A 218 12.22 -10.73 -11.28
C VAL A 218 11.99 -9.29 -11.63
N MET A 219 11.05 -9.06 -12.52
CA MET A 219 10.67 -7.73 -12.95
C MET A 219 9.26 -7.47 -12.48
N PHE A 220 9.09 -6.42 -11.67
CA PHE A 220 7.77 -5.99 -11.20
C PHE A 220 7.29 -4.93 -12.24
N GLU A 221 6.14 -5.16 -12.81
CA GLU A 221 5.65 -4.27 -13.84
C GLU A 221 4.53 -3.29 -13.37
N GLY A 222 4.85 -1.99 -13.40
CA GLY A 222 3.88 -0.97 -13.04
C GLY A 222 3.01 -0.65 -14.25
N ALA A 223 1.70 -0.57 -14.06
CA ALA A 223 0.78 -0.28 -15.16
C ALA A 223 0.34 1.18 -15.38
N GLN A 224 0.37 2.04 -14.37
CA GLN A 224 -0.06 3.43 -14.61
C GLN A 224 0.95 4.42 -14.11
N GLY A 225 0.69 5.70 -14.34
CA GLY A 225 1.63 6.73 -13.94
C GLY A 225 1.63 7.20 -12.50
N THR A 226 2.85 7.42 -11.99
CA THR A 226 3.10 7.87 -10.63
C THR A 226 2.22 8.98 -10.07
N LEU A 227 1.95 10.02 -10.87
CA LEU A 227 1.19 11.19 -10.40
C LEU A 227 -0.31 10.98 -10.39
N LEU A 228 -0.67 9.76 -10.79
CA LEU A 228 -2.06 9.30 -10.82
C LEU A 228 -2.39 8.56 -9.53
N ASP A 229 -1.37 8.31 -8.72
CA ASP A 229 -1.50 7.62 -7.44
C ASP A 229 -2.68 8.18 -6.60
N ILE A 230 -3.64 7.30 -6.32
CA ILE A 230 -4.85 7.63 -5.57
C ILE A 230 -4.60 8.50 -4.33
N ASP A 231 -3.48 8.23 -3.69
CA ASP A 231 -3.06 8.88 -2.47
C ASP A 231 -2.17 10.04 -2.56
N HIS A 232 -1.08 9.87 -3.29
CA HIS A 232 -0.03 10.88 -3.40
C HIS A 232 0.04 11.70 -4.68
N GLY A 233 -0.86 11.38 -5.60
CA GLY A 233 -0.93 12.07 -6.85
C GLY A 233 -1.66 13.38 -6.66
N THR A 234 -1.93 14.00 -7.80
CA THR A 234 -2.60 15.29 -7.85
C THR A 234 -4.08 15.02 -7.70
N TYR A 235 -4.50 14.86 -6.45
CA TYR A 235 -5.91 14.62 -6.14
C TYR A 235 -6.58 15.98 -6.42
N PRO A 236 -7.86 16.00 -6.80
CA PRO A 236 -8.84 14.93 -7.05
C PRO A 236 -8.66 14.16 -8.34
N TYR A 237 -8.04 14.80 -9.34
CA TYR A 237 -7.82 14.22 -10.67
C TYR A 237 -6.76 13.17 -10.50
N VAL A 238 -7.20 11.94 -10.21
CA VAL A 238 -6.31 10.84 -9.92
C VAL A 238 -6.95 9.49 -10.29
N THR A 239 -6.13 8.45 -10.46
CA THR A 239 -6.61 7.12 -10.88
C THR A 239 -7.26 6.25 -9.81
N SER A 240 -7.77 5.12 -10.28
CA SER A 240 -8.45 4.14 -9.43
C SER A 240 -7.60 3.56 -8.28
N SER A 241 -6.26 3.51 -8.42
CA SER A 241 -5.41 2.95 -7.35
C SER A 241 -3.91 3.33 -7.22
N ASN A 242 -3.33 3.06 -6.05
CA ASN A 242 -1.91 3.35 -5.79
C ASN A 242 -1.04 2.94 -6.99
N THR A 243 -0.24 3.90 -7.49
CA THR A 243 0.59 3.64 -8.65
C THR A 243 2.06 3.65 -8.37
N THR A 244 2.46 4.08 -7.17
CA THR A 244 3.88 4.14 -6.82
C THR A 244 4.50 2.77 -6.54
N ALA A 245 5.79 2.72 -6.24
CA ALA A 245 6.54 1.48 -5.93
C ALA A 245 6.21 0.90 -4.54
N GLY A 246 5.60 1.69 -3.68
CA GLY A 246 5.26 1.19 -2.36
C GLY A 246 4.19 0.09 -2.37
N GLY A 247 3.57 -0.15 -3.52
CA GLY A 247 2.55 -1.16 -3.62
C GLY A 247 3.11 -2.44 -4.21
N VAL A 248 4.42 -2.53 -4.31
CA VAL A 248 5.06 -3.75 -4.83
C VAL A 248 4.94 -4.84 -3.73
N ALA A 249 5.30 -4.45 -2.51
CA ALA A 249 5.25 -5.31 -1.35
C ALA A 249 3.79 -5.71 -1.08
N THR A 250 2.96 -4.71 -0.85
CA THR A 250 1.54 -4.93 -0.59
C THR A 250 0.89 -5.78 -1.68
N GLY A 251 1.06 -5.36 -2.93
CA GLY A 251 0.50 -6.05 -4.06
C GLY A 251 1.04 -7.41 -4.41
N SER A 252 2.27 -7.73 -4.02
CA SER A 252 2.85 -9.06 -4.32
C SER A 252 3.11 -9.99 -3.14
N GLY A 253 3.37 -9.43 -1.95
CA GLY A 253 3.67 -10.20 -0.75
C GLY A 253 5.17 -10.28 -0.47
N LEU A 254 5.97 -9.50 -1.19
CA LEU A 254 7.42 -9.52 -1.04
C LEU A 254 7.80 -8.42 -0.08
N GLY A 255 8.66 -8.73 0.88
CA GLY A 255 9.04 -7.72 1.86
C GLY A 255 9.72 -6.46 1.35
N PRO A 256 9.34 -5.31 1.90
CA PRO A 256 9.93 -4.04 1.43
C PRO A 256 11.43 -3.94 1.18
N ARG A 257 12.27 -4.49 2.04
CA ARG A 257 13.72 -4.41 1.85
C ARG A 257 14.34 -5.22 0.69
N TYR A 258 13.54 -6.01 -0.01
CA TYR A 258 14.09 -6.80 -1.13
C TYR A 258 13.88 -6.10 -2.48
N VAL A 259 13.29 -4.91 -2.51
CA VAL A 259 13.18 -4.21 -3.80
C VAL A 259 14.61 -3.68 -4.07
N ASP A 260 15.25 -4.19 -5.12
CA ASP A 260 16.63 -3.78 -5.45
C ASP A 260 16.81 -2.55 -6.37
N TYR A 261 15.94 -2.40 -7.36
CA TYR A 261 16.16 -1.35 -8.34
C TYR A 261 14.84 -0.94 -8.93
N VAL A 262 14.54 0.36 -8.83
CA VAL A 262 13.28 0.97 -9.31
C VAL A 262 13.61 1.82 -10.57
N LEU A 263 13.19 1.34 -11.76
CA LEU A 263 13.47 2.03 -13.03
C LEU A 263 12.35 3.01 -13.28
N GLY A 264 12.63 4.30 -13.30
CA GLY A 264 11.53 5.24 -13.53
C GLY A 264 11.45 5.70 -14.97
N ILE A 265 10.49 5.21 -15.72
CA ILE A 265 10.33 5.58 -17.13
C ILE A 265 10.04 7.09 -17.29
N LEU A 266 10.96 7.79 -17.93
CA LEU A 266 10.82 9.25 -18.12
C LEU A 266 10.70 9.71 -19.59
N LYS A 267 9.64 10.45 -19.92
CA LYS A 267 9.50 10.97 -21.30
C LYS A 267 10.14 12.34 -21.34
N ALA A 268 11.04 12.57 -22.28
CA ALA A 268 11.77 13.87 -22.43
C ALA A 268 10.97 15.18 -22.40
N TYR A 269 9.66 15.09 -22.45
CA TYR A 269 8.76 16.24 -22.41
C TYR A 269 7.48 15.70 -21.81
N SER A 270 6.76 16.54 -21.09
CA SER A 270 5.50 16.15 -20.42
C SER A 270 4.26 16.24 -21.29
N THR A 271 3.28 15.40 -20.93
CA THR A 271 1.97 15.38 -21.57
C THR A 271 1.01 14.88 -20.49
N ARG A 272 -0.27 15.17 -20.67
CA ARG A 272 -1.31 14.77 -19.76
C ARG A 272 -2.56 14.70 -20.56
N VAL A 273 -3.29 13.61 -20.38
CA VAL A 273 -4.55 13.42 -21.05
C VAL A 273 -5.63 13.87 -20.09
N GLY A 274 -6.78 14.27 -20.63
CA GLY A 274 -7.88 14.71 -19.78
C GLY A 274 -7.47 15.94 -19.00
N ALA A 275 -8.33 16.37 -18.11
CA ALA A 275 -8.06 17.56 -17.31
C ALA A 275 -7.17 17.25 -16.12
N GLY A 276 -7.06 18.21 -15.21
CA GLY A 276 -6.24 18.01 -14.05
C GLY A 276 -5.12 18.99 -14.22
N PRO A 277 -4.43 19.37 -13.13
CA PRO A 277 -3.32 20.35 -13.16
C PRO A 277 -2.17 19.92 -14.09
N PHE A 278 -1.48 20.94 -14.63
CA PHE A 278 -0.36 20.74 -15.59
C PHE A 278 0.33 22.13 -15.75
N PRO A 279 1.01 22.60 -14.70
CA PRO A 279 1.72 23.87 -14.65
C PRO A 279 2.63 24.30 -15.77
N THR A 280 3.18 23.31 -16.46
CA THR A 280 4.15 23.53 -17.51
C THR A 280 3.54 23.54 -18.94
N GLU A 281 2.22 23.51 -19.02
CA GLU A 281 1.55 23.50 -20.32
C GLU A 281 1.95 24.63 -21.29
N LEU A 282 1.92 24.34 -22.59
CA LEU A 282 2.27 25.28 -23.65
C LEU A 282 1.02 25.68 -24.41
N PHE A 283 0.84 26.98 -24.61
CA PHE A 283 -0.32 27.51 -25.31
C PHE A 283 0.04 28.32 -26.55
N ASP A 284 1.23 28.03 -27.09
N ASP A 284 1.24 28.07 -27.10
CA ASP A 284 1.77 28.70 -28.27
CA ASP A 284 1.72 28.75 -28.31
C ASP A 284 2.09 27.67 -29.35
C ASP A 284 2.08 27.69 -29.35
N GLU A 285 2.99 28.03 -30.26
CA GLU A 285 3.43 27.13 -31.34
C GLU A 285 4.22 25.90 -30.92
N THR A 286 4.91 25.99 -29.80
CA THR A 286 5.67 24.86 -29.33
C THR A 286 4.86 23.63 -28.94
N GLY A 287 3.69 23.83 -28.36
CA GLY A 287 2.85 22.71 -27.95
C GLY A 287 2.39 21.83 -29.10
N GLU A 288 1.74 22.45 -30.08
CA GLU A 288 1.26 21.72 -31.24
C GLU A 288 2.46 21.11 -31.93
N PHE A 289 3.57 21.84 -31.98
CA PHE A 289 4.79 21.27 -32.56
C PHE A 289 5.03 19.94 -31.82
N LEU A 290 5.11 20.02 -30.49
CA LEU A 290 5.32 18.85 -29.64
C LEU A 290 4.31 17.74 -29.92
N CYS A 291 3.02 18.08 -29.86
CA CYS A 291 2.01 17.08 -30.13
C CYS A 291 2.16 16.47 -31.52
N LYS A 292 2.44 17.33 -32.50
CA LYS A 292 2.60 16.91 -33.90
C LYS A 292 3.72 15.92 -34.06
N GLN A 293 4.94 16.41 -33.88
CA GLN A 293 6.16 15.63 -34.01
C GLN A 293 6.14 14.39 -33.12
N GLY A 294 5.63 14.56 -31.89
CA GLY A 294 5.54 13.48 -30.95
C GLY A 294 4.50 12.43 -31.32
N ASN A 295 3.56 12.83 -32.15
CA ASN A 295 2.49 11.93 -32.60
C ASN A 295 1.69 11.45 -31.39
N GLU A 296 1.21 12.42 -30.62
CA GLU A 296 0.43 12.15 -29.41
C GLU A 296 -1.08 12.17 -29.60
N PHE A 297 -1.52 11.55 -30.69
CA PHE A 297 -2.94 11.48 -31.01
C PHE A 297 -3.39 10.00 -30.99
N GLY A 298 -2.59 9.17 -30.35
CA GLY A 298 -2.87 7.74 -30.24
C GLY A 298 -2.02 7.02 -29.21
N ALA A 299 -1.70 5.76 -29.49
CA ALA A 299 -0.89 4.88 -28.64
C ALA A 299 -1.45 4.86 -27.22
N THR A 300 -2.51 4.07 -27.02
CA THR A 300 -3.21 3.99 -25.72
C THR A 300 -3.75 5.41 -25.45
N THR A 301 -4.46 5.88 -26.48
CA THR A 301 -5.06 7.21 -26.57
C THR A 301 -6.07 7.67 -25.52
N GLY A 302 -6.63 8.85 -25.79
CA GLY A 302 -7.63 9.46 -24.93
C GLY A 302 -8.12 10.78 -25.53
N ARG A 303 -8.76 11.58 -24.68
CA ARG A 303 -9.29 12.89 -25.06
C ARG A 303 -8.36 14.01 -24.64
N ARG A 304 -8.08 14.94 -25.53
CA ARG A 304 -7.22 16.08 -25.23
C ARG A 304 -5.93 15.69 -24.48
N ARG A 305 -4.84 15.61 -25.23
CA ARG A 305 -3.52 15.29 -24.71
C ARG A 305 -2.66 16.53 -24.88
N ARG A 306 -2.45 17.28 -23.82
CA ARG A 306 -1.64 18.49 -23.91
C ARG A 306 -0.16 18.17 -23.89
N THR A 307 0.68 19.21 -23.90
CA THR A 307 2.14 19.05 -23.88
C THR A 307 2.80 20.18 -23.10
N GLY A 308 4.06 19.97 -22.69
CA GLY A 308 4.79 20.98 -21.94
C GLY A 308 6.24 20.60 -21.70
N TRP A 309 7.02 21.56 -21.21
CA TRP A 309 8.43 21.26 -20.94
C TRP A 309 8.47 20.33 -19.74
N LEU A 310 9.53 19.54 -19.62
CA LEU A 310 9.66 18.64 -18.49
C LEU A 310 9.55 19.46 -17.20
N ASP A 311 8.85 18.89 -16.22
CA ASP A 311 8.63 19.51 -14.93
C ASP A 311 9.56 18.85 -13.95
N THR A 312 10.77 19.37 -13.73
CA THR A 312 11.67 18.73 -12.77
C THR A 312 11.27 18.96 -11.31
N VAL A 313 10.08 19.51 -11.07
CA VAL A 313 9.60 19.72 -9.71
C VAL A 313 8.74 18.46 -9.39
N ALA A 314 7.89 18.12 -10.35
CA ALA A 314 7.03 16.96 -10.22
C ALA A 314 7.89 15.68 -10.39
N VAL A 315 8.87 15.69 -11.28
CA VAL A 315 9.71 14.50 -11.45
C VAL A 315 10.59 14.28 -10.21
N ARG A 316 10.88 15.36 -9.48
CA ARG A 316 11.66 15.29 -8.24
C ARG A 316 10.69 14.71 -7.17
N ARG A 317 9.39 14.83 -7.41
CA ARG A 317 8.42 14.34 -6.48
C ARG A 317 8.24 12.85 -6.72
N ALA A 318 8.37 12.44 -7.98
CA ALA A 318 8.26 11.04 -8.33
C ALA A 318 9.50 10.32 -7.73
N VAL A 319 10.68 10.93 -7.83
CA VAL A 319 11.90 10.35 -7.25
C VAL A 319 11.72 9.86 -5.78
N GLN A 320 11.08 10.69 -4.96
CA GLN A 320 10.75 10.35 -3.56
C GLN A 320 9.70 9.25 -3.50
N LEU A 321 8.53 9.49 -4.06
CA LEU A 321 7.49 8.49 -3.94
C LEU A 321 7.90 7.04 -4.18
N ASN A 322 8.73 6.86 -5.23
CA ASN A 322 9.20 5.57 -5.71
C ASN A 322 10.62 5.18 -5.33
N SER A 323 11.29 6.04 -4.56
CA SER A 323 12.70 5.81 -4.23
C SER A 323 13.45 5.37 -5.52
N LEU A 324 13.32 6.18 -6.59
CA LEU A 324 13.97 5.81 -7.88
C LEU A 324 15.45 5.70 -7.79
N SER A 325 15.98 4.77 -8.59
CA SER A 325 17.41 4.52 -8.67
C SER A 325 18.02 5.05 -9.97
N GLY A 326 17.25 4.97 -11.07
CA GLY A 326 17.74 5.43 -12.34
C GLY A 326 16.65 5.70 -13.35
N PHE A 327 16.92 6.57 -14.33
CA PHE A 327 15.92 6.90 -15.34
C PHE A 327 16.08 6.17 -16.64
N CYS A 328 15.00 6.02 -17.40
CA CYS A 328 15.08 5.46 -18.75
C CYS A 328 14.40 6.51 -19.62
N LEU A 329 15.19 7.54 -19.97
CA LEU A 329 14.73 8.68 -20.77
C LEU A 329 14.19 8.23 -22.11
N THR A 330 12.99 8.70 -22.44
CA THR A 330 12.32 8.38 -23.68
C THR A 330 11.96 9.61 -24.55
N LYS A 331 11.83 9.32 -25.86
CA LYS A 331 11.45 10.29 -26.91
C LYS A 331 12.11 11.65 -26.94
N LEU A 332 13.43 11.66 -26.93
CA LEU A 332 14.21 12.92 -26.94
C LEU A 332 14.16 13.63 -28.29
N ASP A 333 14.23 12.83 -29.36
CA ASP A 333 14.21 13.34 -30.72
C ASP A 333 13.14 14.39 -30.93
N VAL A 334 11.96 14.12 -30.41
CA VAL A 334 10.84 15.04 -30.51
C VAL A 334 11.29 16.50 -30.29
N LEU A 335 12.24 16.71 -29.39
CA LEU A 335 12.74 18.04 -29.09
C LEU A 335 13.82 18.49 -30.06
N ASP A 336 14.04 17.70 -31.13
CA ASP A 336 15.03 18.03 -32.16
C ASP A 336 14.46 19.18 -32.99
N GLY A 337 15.26 19.70 -33.92
CA GLY A 337 14.82 20.79 -34.78
C GLY A 337 14.30 22.05 -34.10
N LEU A 338 14.61 22.22 -32.81
CA LEU A 338 14.17 23.39 -32.08
C LEU A 338 15.38 24.25 -31.89
N LYS A 339 15.16 25.46 -31.38
N LYS A 339 15.19 25.45 -31.35
CA LYS A 339 16.22 26.43 -31.13
CA LYS A 339 16.30 26.37 -31.11
C LYS A 339 16.48 26.45 -29.62
C LYS A 339 16.50 26.42 -29.60
N GLU A 340 15.38 26.38 -28.86
CA GLU A 340 15.43 26.40 -27.41
C GLU A 340 14.68 25.26 -26.71
N VAL A 341 15.16 24.90 -25.54
CA VAL A 341 14.55 23.89 -24.72
C VAL A 341 14.60 24.43 -23.31
N LYS A 342 13.54 24.15 -22.56
CA LYS A 342 13.46 24.60 -21.18
C LYS A 342 13.02 23.43 -20.31
N LEU A 343 13.27 23.54 -19.01
CA LEU A 343 12.85 22.54 -18.01
C LEU A 343 12.49 23.32 -16.76
N CYS A 344 11.27 23.09 -16.25
CA CYS A 344 10.80 23.79 -15.04
C CYS A 344 11.72 23.41 -13.86
N VAL A 345 11.98 24.35 -12.97
CA VAL A 345 12.86 24.08 -11.81
C VAL A 345 12.38 24.76 -10.53
N ALA A 346 11.16 25.29 -10.59
CA ALA A 346 10.58 26.00 -9.46
C ALA A 346 9.25 26.44 -9.98
N TYR A 347 8.36 26.75 -9.04
CA TYR A 347 7.01 27.23 -9.31
C TYR A 347 6.85 28.40 -8.39
N ARG A 348 6.02 29.34 -8.79
CA ARG A 348 5.70 30.52 -7.99
C ARG A 348 4.23 30.39 -7.61
N MET A 349 3.94 30.43 -6.31
CA MET A 349 2.58 30.28 -5.81
C MET A 349 1.78 31.55 -6.00
N PRO A 350 0.44 31.43 -6.03
CA PRO A 350 -0.37 32.64 -6.19
C PRO A 350 -0.21 33.55 -4.98
N ASP A 351 1.02 33.86 -4.60
CA ASP A 351 1.27 34.74 -3.45
C ASP A 351 2.69 35.30 -3.48
N GLY A 352 3.43 35.03 -4.55
CA GLY A 352 4.77 35.58 -4.65
C GLY A 352 5.96 34.68 -4.34
N ARG A 353 5.77 33.68 -3.49
N ARG A 353 5.80 33.70 -3.47
CA ARG A 353 6.87 32.78 -3.15
CA ARG A 353 6.93 32.82 -3.16
C ARG A 353 7.11 31.72 -4.23
C ARG A 353 7.12 31.71 -4.20
N GLU A 354 8.38 31.33 -4.37
CA GLU A 354 8.76 30.33 -5.34
C GLU A 354 9.28 29.12 -4.59
N VAL A 355 8.56 28.01 -4.71
CA VAL A 355 8.93 26.78 -4.04
C VAL A 355 9.48 25.82 -5.08
N THR A 356 10.32 24.89 -4.64
CA THR A 356 10.93 23.90 -5.52
C THR A 356 10.38 22.53 -5.30
N THR A 357 9.45 22.40 -4.36
CA THR A 357 8.83 21.13 -4.05
C THR A 357 7.37 21.23 -4.44
N THR A 358 6.88 20.24 -5.20
CA THR A 358 5.47 20.20 -5.59
C THR A 358 4.75 20.63 -4.30
N PRO A 359 3.92 21.67 -4.39
CA PRO A 359 3.24 22.10 -3.17
C PRO A 359 2.11 21.14 -2.81
N LEU A 360 1.35 21.49 -1.79
CA LEU A 360 0.26 20.64 -1.37
C LEU A 360 -0.80 20.61 -2.46
N ALA A 361 -1.57 19.53 -2.49
CA ALA A 361 -2.65 19.34 -3.45
C ALA A 361 -3.73 20.39 -3.20
N ALA A 362 -3.74 20.97 -2.00
CA ALA A 362 -4.74 21.96 -1.73
C ALA A 362 -4.27 23.43 -1.62
N ASP A 363 -3.42 23.86 -2.55
N ASP A 363 -3.38 23.84 -2.53
CA ASP A 363 -2.98 25.26 -2.54
CA ASP A 363 -2.84 25.23 -2.54
C ASP A 363 -3.60 26.14 -3.59
C ASP A 363 -3.39 26.20 -3.59
N ASP A 364 -3.40 25.82 -4.85
CA ASP A 364 -3.91 26.51 -6.08
C ASP A 364 -3.16 25.96 -7.28
N TRP A 365 -3.59 24.83 -7.81
CA TRP A 365 -2.89 24.26 -8.96
C TRP A 365 -2.85 25.10 -10.19
N LYS A 366 -3.98 25.67 -10.66
N LYS A 366 -3.99 25.67 -10.66
CA LYS A 366 -3.99 26.51 -11.86
CA LYS A 366 -3.99 26.52 -11.86
C LYS A 366 -3.46 27.91 -11.55
C LYS A 366 -3.45 27.91 -11.55
N GLY A 367 -3.23 28.19 -10.27
CA GLY A 367 -2.70 29.47 -9.87
C GLY A 367 -1.21 29.45 -10.21
N VAL A 368 -0.55 28.41 -9.70
CA VAL A 368 0.88 28.17 -9.88
C VAL A 368 1.48 28.63 -11.21
N GLU A 369 2.61 29.33 -11.11
CA GLU A 369 3.33 29.82 -12.28
C GLU A 369 4.76 29.25 -12.25
N PRO A 370 5.20 28.63 -13.36
CA PRO A 370 6.50 27.99 -13.64
C PRO A 370 7.72 28.85 -13.96
N ILE A 371 8.81 28.58 -13.24
CA ILE A 371 10.08 29.27 -13.43
C ILE A 371 10.89 28.30 -14.27
N TYR A 372 11.15 28.65 -15.53
CA TYR A 372 11.87 27.76 -16.43
C TYR A 372 13.33 28.09 -16.46
N GLU A 373 14.15 27.06 -16.74
CA GLU A 373 15.59 27.22 -16.91
C GLU A 373 15.70 27.00 -18.42
N THR A 374 16.40 27.91 -19.12
CA THR A 374 16.57 27.84 -20.60
C THR A 374 17.89 27.21 -21.14
N MET A 375 17.77 26.40 -22.19
CA MET A 375 18.93 25.71 -22.81
C MET A 375 18.83 25.62 -24.36
N PRO A 376 19.90 25.97 -25.07
CA PRO A 376 19.91 25.92 -26.54
C PRO A 376 19.64 24.50 -27.02
N GLY A 377 18.88 24.35 -28.09
CA GLY A 377 18.58 23.04 -28.60
C GLY A 377 19.61 22.54 -29.58
N TRP A 378 19.32 21.41 -30.22
CA TRP A 378 20.24 20.84 -31.19
C TRP A 378 19.46 20.74 -32.48
N SER A 379 20.17 21.03 -33.55
CA SER A 379 19.65 21.02 -34.90
C SER A 379 19.90 19.66 -35.58
N GLU A 380 20.72 18.83 -34.97
CA GLU A 380 21.02 17.51 -35.51
C GLU A 380 19.86 16.54 -35.23
N SER A 381 20.01 15.28 -35.61
CA SER A 381 18.95 14.33 -35.42
C SER A 381 19.29 13.44 -34.25
N THR A 382 18.39 12.52 -33.95
CA THR A 382 18.63 11.63 -32.86
C THR A 382 17.89 10.31 -33.00
N PHE A 383 16.78 10.34 -33.74
CA PHE A 383 15.98 9.12 -33.89
C PHE A 383 16.69 7.90 -34.46
N GLY A 384 17.21 7.05 -33.59
CA GLY A 384 17.87 5.86 -34.06
C GLY A 384 19.34 5.73 -33.72
N VAL A 385 19.90 6.73 -33.05
CA VAL A 385 21.31 6.69 -32.67
C VAL A 385 21.59 5.69 -31.56
N LYS A 386 22.76 5.05 -31.62
CA LYS A 386 23.08 4.08 -30.58
C LYS A 386 24.42 4.41 -29.93
N ASP A 387 24.59 5.65 -29.48
CA ASP A 387 25.84 6.05 -28.83
C ASP A 387 25.91 7.49 -28.38
N ARG A 388 26.61 7.66 -27.27
CA ARG A 388 26.84 8.96 -26.66
C ARG A 388 27.65 9.81 -27.63
N SER A 389 28.81 9.28 -28.01
CA SER A 389 29.71 9.98 -28.93
C SER A 389 28.91 10.60 -30.07
N GLY A 390 28.25 9.73 -30.86
CA GLY A 390 27.43 10.19 -31.96
C GLY A 390 26.10 10.78 -31.53
N LEU A 391 26.08 11.58 -30.46
CA LEU A 391 24.88 12.22 -29.97
C LEU A 391 25.28 13.70 -29.83
N PRO A 392 24.45 14.64 -30.30
CA PRO A 392 24.83 16.05 -30.18
C PRO A 392 25.26 16.56 -28.80
N GLN A 393 26.33 17.35 -28.76
N GLN A 393 26.28 17.40 -28.84
CA GLN A 393 26.81 17.87 -27.49
CA GLN A 393 26.91 18.05 -27.70
C GLN A 393 25.71 18.65 -26.79
C GLN A 393 25.85 18.78 -26.88
N ALA A 394 24.84 19.31 -27.56
CA ALA A 394 23.74 20.06 -26.95
C ALA A 394 22.72 19.16 -26.27
N ALA A 395 22.35 18.07 -26.95
CA ALA A 395 21.40 17.13 -26.39
C ALA A 395 22.03 16.59 -25.11
N LEU A 396 23.24 16.08 -25.23
CA LEU A 396 23.94 15.55 -24.06
C LEU A 396 23.88 16.47 -22.88
N ASN A 397 23.81 17.78 -23.11
CA ASN A 397 23.78 18.67 -21.97
C ASN A 397 22.42 18.82 -21.32
N TYR A 398 21.39 18.37 -22.02
CA TYR A 398 20.00 18.38 -21.54
C TYR A 398 19.95 17.27 -20.46
N ILE A 399 20.65 16.18 -20.74
CA ILE A 399 20.71 15.02 -19.84
C ILE A 399 21.25 15.34 -18.45
N LYS A 400 22.50 15.78 -18.42
CA LYS A 400 23.20 16.05 -17.17
C LYS A 400 22.41 16.96 -16.25
N ARG A 401 21.66 17.85 -16.90
CA ARG A 401 20.82 18.80 -16.21
C ARG A 401 19.64 18.06 -15.62
N ILE A 402 19.10 17.10 -16.38
CA ILE A 402 17.98 16.29 -15.92
C ILE A 402 18.48 15.50 -14.69
N GLU A 403 19.76 15.13 -14.70
CA GLU A 403 20.35 14.40 -13.58
C GLU A 403 20.57 15.25 -12.35
N GLU A 404 21.32 16.35 -12.50
CA GLU A 404 21.62 17.26 -11.40
C GLU A 404 20.39 17.80 -10.66
N LEU A 405 19.33 18.11 -11.39
CA LEU A 405 18.09 18.64 -10.79
C LEU A 405 17.25 17.58 -10.05
N THR A 406 17.23 16.35 -10.58
CA THR A 406 16.47 15.27 -9.94
C THR A 406 17.44 14.60 -8.98
N GLY A 407 18.71 14.73 -9.29
CA GLY A 407 19.71 14.11 -8.47
C GLY A 407 19.67 12.60 -8.68
N VAL A 408 19.06 12.11 -9.78
CA VAL A 408 18.98 10.66 -10.13
C VAL A 408 19.62 10.45 -11.54
N PRO A 409 20.48 9.43 -11.71
CA PRO A 409 21.14 9.18 -13.00
C PRO A 409 20.23 8.60 -14.08
N ILE A 410 20.45 8.99 -15.33
CA ILE A 410 19.70 8.42 -16.47
C ILE A 410 20.54 7.21 -16.82
N ASP A 411 19.98 6.01 -16.83
CA ASP A 411 20.78 4.80 -17.14
C ASP A 411 20.52 4.16 -18.49
N ILE A 412 19.37 4.45 -19.08
CA ILE A 412 19.04 3.86 -20.39
C ILE A 412 18.40 4.96 -21.23
N ILE A 413 18.85 5.05 -22.47
CA ILE A 413 18.38 6.09 -23.38
C ILE A 413 17.72 5.51 -24.63
N SER A 414 16.48 5.07 -24.51
CA SER A 414 15.77 4.51 -25.66
C SER A 414 15.59 5.58 -26.73
N THR A 415 16.26 5.39 -27.86
CA THR A 415 16.23 6.33 -29.00
C THR A 415 15.22 6.00 -30.10
N GLY A 416 14.80 4.74 -30.19
CA GLY A 416 13.85 4.38 -31.23
C GLY A 416 13.15 3.03 -31.03
N PRO A 417 11.94 2.89 -31.55
CA PRO A 417 11.07 1.71 -31.48
C PRO A 417 11.80 0.36 -31.50
N ASP A 418 12.67 0.16 -32.47
CA ASP A 418 13.39 -1.09 -32.52
C ASP A 418 14.25 -1.23 -31.27
N ARG A 419 14.53 -2.48 -30.93
CA ARG A 419 15.33 -2.79 -29.77
C ARG A 419 16.72 -2.20 -29.82
N THR A 420 17.40 -2.32 -30.95
CA THR A 420 18.77 -1.82 -31.09
C THR A 420 18.89 -0.31 -30.90
N GLU A 421 17.79 0.39 -31.11
CA GLU A 421 17.79 1.83 -30.93
C GLU A 421 17.68 2.10 -29.42
N THR A 422 18.62 1.56 -28.66
CA THR A 422 18.65 1.73 -27.20
C THR A 422 20.08 1.94 -26.70
N MET A 423 20.23 2.71 -25.63
CA MET A 423 21.53 2.93 -25.01
C MET A 423 21.42 2.53 -23.53
N ILE A 424 22.07 1.41 -23.19
CA ILE A 424 22.07 0.88 -21.83
C ILE A 424 23.35 1.35 -21.16
N LEU A 425 23.26 2.35 -20.29
CA LEU A 425 24.46 2.83 -19.59
C LEU A 425 24.70 1.97 -18.33
N ARG A 426 23.64 1.63 -17.63
CA ARG A 426 23.85 0.86 -16.41
C ARG A 426 23.14 -0.50 -16.27
N ASP A 427 22.14 -0.82 -17.06
CA ASP A 427 21.47 -2.13 -16.92
C ASP A 427 20.94 -2.40 -15.50
N PRO A 428 19.61 -2.25 -15.30
CA PRO A 428 18.96 -2.45 -14.02
C PRO A 428 19.27 -3.73 -13.28
N PHE A 429 19.27 -4.86 -13.99
CA PHE A 429 19.54 -6.16 -13.34
C PHE A 429 20.98 -6.34 -12.87
N ASP A 430 21.93 -5.71 -13.54
CA ASP A 430 23.34 -5.88 -13.15
C ASP A 430 23.77 -4.88 -12.10
N ALA A 431 23.00 -3.82 -12.00
CA ALA A 431 23.27 -2.76 -11.02
C ALA A 431 23.10 -3.29 -9.61
N GLY B 1 20.76 1.18 10.90
CA GLY B 1 19.40 1.41 10.40
C GLY B 1 18.79 2.73 10.86
N ASN B 2 18.94 3.81 10.07
CA ASN B 2 18.38 5.12 10.41
C ASN B 2 16.83 5.19 10.42
N ASN B 3 16.19 4.47 9.50
CA ASN B 3 14.73 4.45 9.46
C ASN B 3 14.33 3.11 9.98
N VAL B 4 13.66 3.14 11.13
CA VAL B 4 13.20 1.93 11.81
C VAL B 4 11.69 1.74 11.84
N VAL B 5 11.27 0.49 11.63
CA VAL B 5 9.86 0.15 11.56
C VAL B 5 9.59 -0.87 12.67
N VAL B 6 8.54 -0.62 13.47
CA VAL B 6 8.12 -1.49 14.59
C VAL B 6 6.69 -2.00 14.41
N LEU B 7 6.50 -3.31 14.63
CA LEU B 7 5.16 -3.90 14.50
C LEU B 7 5.00 -5.30 15.11
N GLY B 8 3.74 -5.66 15.37
CA GLY B 8 3.42 -6.97 15.93
C GLY B 8 3.54 -8.02 14.87
N THR B 9 4.28 -9.11 15.11
CA THR B 9 4.44 -10.15 14.08
C THR B 9 3.40 -11.26 14.12
N GLN B 10 2.36 -11.07 14.93
CA GLN B 10 1.35 -12.12 15.12
C GLN B 10 -0.10 -11.67 14.89
N TRP B 11 -0.95 -11.73 15.91
CA TRP B 11 -2.33 -11.30 15.70
C TRP B 11 -2.72 -10.16 16.63
N GLY B 12 -1.72 -9.44 17.15
CA GLY B 12 -1.99 -8.35 18.08
C GLY B 12 -1.56 -8.58 19.53
N ASP B 13 -1.61 -7.52 20.31
CA ASP B 13 -1.26 -7.63 21.70
C ASP B 13 0.11 -8.27 21.96
N GLU B 14 1.07 -8.06 21.07
CA GLU B 14 2.40 -8.62 21.24
C GLU B 14 3.21 -7.83 22.28
N GLY B 15 2.67 -6.72 22.76
CA GLY B 15 3.39 -5.93 23.76
C GLY B 15 4.35 -4.88 23.25
N LYS B 16 3.96 -4.19 22.18
N LYS B 16 3.93 -4.19 22.20
CA LYS B 16 4.80 -3.13 21.59
CA LYS B 16 4.68 -3.12 21.55
C LYS B 16 4.98 -1.88 22.45
C LYS B 16 4.95 -1.90 22.43
N GLY B 17 3.97 -1.55 23.25
CA GLY B 17 4.05 -0.37 24.13
C GLY B 17 5.33 0.16 24.76
N LYS B 18 6.16 -0.74 25.29
CA LYS B 18 7.39 -0.37 25.95
C LYS B 18 8.58 -0.26 25.03
N ILE B 19 8.63 -1.06 23.97
CA ILE B 19 9.78 -1.00 23.05
C ILE B 19 9.70 0.39 22.34
N VAL B 20 8.47 0.77 22.07
CA VAL B 20 8.14 2.01 21.41
C VAL B 20 8.56 3.21 22.22
N ASP B 21 8.16 3.24 23.50
CA ASP B 21 8.55 4.35 24.39
C ASP B 21 10.05 4.28 24.68
N LEU B 22 10.66 3.15 24.40
CA LEU B 22 12.07 3.06 24.67
C LEU B 22 12.84 3.71 23.52
N LEU B 23 12.65 3.21 22.30
CA LEU B 23 13.32 3.75 21.13
C LEU B 23 12.94 5.22 20.84
N THR B 24 11.77 5.64 21.33
CA THR B 24 11.28 6.99 21.16
C THR B 24 12.31 7.96 21.60
N GLU B 25 13.10 7.53 22.56
CA GLU B 25 14.16 8.33 23.16
C GLU B 25 15.31 8.75 22.25
N ARG B 26 15.62 7.88 21.28
N ARG B 26 15.64 7.91 21.27
CA ARG B 26 16.70 8.12 20.35
CA ARG B 26 16.73 8.25 20.35
C ARG B 26 16.16 8.67 19.04
C ARG B 26 16.15 8.73 19.03
N ALA B 27 14.85 8.58 18.86
CA ALA B 27 14.18 9.01 17.63
C ALA B 27 13.90 10.52 17.56
N LYS B 28 14.18 11.09 16.39
CA LYS B 28 13.98 12.52 16.15
C LYS B 28 12.56 12.71 15.70
N TYR B 29 12.12 11.77 14.87
CA TYR B 29 10.77 11.74 14.29
C TYR B 29 10.10 10.44 14.64
N VAL B 30 8.82 10.52 14.92
CA VAL B 30 7.97 9.38 15.23
C VAL B 30 6.80 9.43 14.26
N VAL B 31 6.53 8.35 13.55
CA VAL B 31 5.48 8.31 12.49
C VAL B 31 4.33 7.24 12.50
N ARG B 32 3.06 7.64 12.39
CA ARG B 32 1.94 6.70 12.26
C ARG B 32 1.60 6.56 10.74
N TYR B 33 1.43 5.32 10.23
CA TYR B 33 1.18 5.10 8.82
C TYR B 33 0.02 4.23 8.39
N GLN B 34 -0.74 3.72 9.36
CA GLN B 34 -1.91 2.89 9.07
C GLN B 34 -2.85 2.83 10.26
N GLY B 35 -4.11 2.49 9.98
CA GLY B 35 -5.10 2.35 11.02
C GLY B 35 -5.83 3.63 11.35
N GLY B 36 -6.45 3.69 12.53
CA GLY B 36 -7.14 4.90 12.95
C GLY B 36 -6.89 5.16 14.43
N HIS B 37 -7.97 5.48 15.13
CA HIS B 37 -7.92 5.71 16.57
C HIS B 37 -8.23 4.31 17.26
N ASN B 38 -7.26 3.40 17.09
CA ASN B 38 -7.36 2.05 17.62
C ASN B 38 -5.99 1.46 17.93
N ALA B 39 -5.06 2.30 18.37
CA ALA B 39 -3.71 1.85 18.69
C ALA B 39 -3.61 1.33 20.12
N GLY B 40 -4.24 2.03 21.04
CA GLY B 40 -4.24 1.60 22.42
C GLY B 40 -2.91 1.69 23.13
N HIS B 41 -2.41 2.91 23.36
CA HIS B 41 -1.16 3.09 24.07
C HIS B 41 -1.51 3.53 25.51
N THR B 42 -1.33 2.61 26.46
CA THR B 42 -1.60 2.89 27.88
C THR B 42 -0.32 3.41 28.50
N LEU B 43 -0.31 4.69 28.88
CA LEU B 43 0.86 5.32 29.53
C LEU B 43 0.45 6.08 30.78
N VAL B 44 1.47 6.47 31.56
CA VAL B 44 1.30 7.18 32.84
C VAL B 44 1.76 8.65 32.91
N ILE B 45 0.81 9.58 32.93
CA ILE B 45 1.16 10.99 33.05
C ILE B 45 1.13 11.39 34.52
N ASN B 46 2.32 11.53 35.11
CA ASN B 46 2.47 11.90 36.52
C ASN B 46 1.62 10.98 37.45
N GLY B 47 1.71 9.67 37.28
CA GLY B 47 0.95 8.78 38.13
C GLY B 47 -0.53 8.62 37.83
N GLU B 48 -0.90 8.73 36.56
CA GLU B 48 -2.28 8.57 36.13
C GLU B 48 -2.33 7.82 34.79
N LYS B 49 -3.04 6.69 34.74
CA LYS B 49 -3.16 5.92 33.51
C LYS B 49 -3.95 6.75 32.49
N THR B 50 -3.51 6.78 31.23
CA THR B 50 -4.23 7.53 30.22
C THR B 50 -3.90 6.99 28.84
N VAL B 51 -4.91 6.43 28.17
CA VAL B 51 -4.76 5.82 26.85
C VAL B 51 -4.86 6.67 25.59
N LEU B 52 -3.73 6.97 24.98
CA LEU B 52 -3.73 7.71 23.73
C LEU B 52 -3.95 6.71 22.61
N HIS B 53 -5.09 6.87 21.96
CA HIS B 53 -5.55 6.06 20.86
C HIS B 53 -5.21 6.53 19.44
N LEU B 54 -4.80 7.79 19.29
CA LEU B 54 -4.53 8.32 17.95
C LEU B 54 -3.21 9.09 17.92
N ILE B 55 -3.01 9.96 18.88
CA ILE B 55 -1.78 10.73 18.94
C ILE B 55 -0.67 9.80 19.37
N PRO B 56 0.42 9.78 18.60
CA PRO B 56 1.57 8.92 18.93
C PRO B 56 2.15 9.34 20.30
N SER B 57 2.63 8.34 21.03
CA SER B 57 3.22 8.50 22.36
C SER B 57 4.52 9.33 22.38
N GLY B 58 5.06 9.59 21.19
CA GLY B 58 6.29 10.35 21.08
C GLY B 58 6.07 11.77 21.53
N ILE B 59 4.80 12.18 21.46
CA ILE B 59 4.33 13.52 21.83
C ILE B 59 4.77 13.97 23.24
N LEU B 60 5.05 12.98 24.11
CA LEU B 60 5.47 13.21 25.50
C LEU B 60 6.87 13.77 25.54
N ARG B 61 7.74 13.22 24.69
CA ARG B 61 9.13 13.64 24.64
C ARG B 61 9.27 15.03 24.03
N GLU B 62 10.26 15.79 24.47
CA GLU B 62 10.45 17.13 23.95
C GLU B 62 11.17 17.20 22.61
N ASN B 63 12.30 16.49 22.46
CA ASN B 63 13.07 16.54 21.21
C ASN B 63 12.44 15.73 20.03
N VAL B 64 11.16 15.42 20.17
CA VAL B 64 10.44 14.69 19.15
C VAL B 64 9.31 15.44 18.48
N THR B 65 9.05 14.97 17.26
CA THR B 65 8.01 15.42 16.38
C THR B 65 7.19 14.20 15.94
N SER B 66 5.89 14.25 16.19
CA SER B 66 5.01 13.16 15.80
C SER B 66 4.25 13.52 14.53
N ILE B 67 4.21 12.57 13.61
CA ILE B 67 3.59 12.78 12.32
C ILE B 67 2.46 11.76 12.08
N ILE B 68 1.33 12.20 11.54
CA ILE B 68 0.24 11.27 11.25
C ILE B 68 0.33 11.11 9.74
N GLY B 69 0.90 10.01 9.27
CA GLY B 69 1.06 9.77 7.84
C GLY B 69 -0.29 9.73 7.14
N ASN B 70 -0.27 9.89 5.83
CA ASN B 70 -1.48 9.88 5.05
C ASN B 70 -2.31 8.59 5.16
N GLY B 71 -1.72 7.51 5.68
CA GLY B 71 -2.44 6.24 5.78
C GLY B 71 -3.36 6.03 7.00
N VAL B 72 -3.19 6.86 8.02
CA VAL B 72 -3.99 6.78 9.22
C VAL B 72 -5.35 7.36 8.81
N VAL B 73 -6.46 6.90 9.38
CA VAL B 73 -7.77 7.49 9.05
C VAL B 73 -8.09 8.47 10.19
N LEU B 74 -8.46 9.69 9.85
CA LEU B 74 -8.61 10.73 10.85
C LEU B 74 -9.97 11.16 11.29
N SER B 75 -10.22 11.08 12.60
CA SER B 75 -11.51 11.53 13.15
C SER B 75 -11.29 12.79 13.95
N PRO B 76 -11.87 13.93 13.52
CA PRO B 76 -11.66 15.16 14.29
C PRO B 76 -11.99 15.11 15.76
N ALA B 77 -13.08 14.42 16.12
CA ALA B 77 -13.48 14.37 17.53
C ALA B 77 -12.51 13.62 18.45
N ALA B 78 -11.79 12.62 17.93
CA ALA B 78 -10.81 11.84 18.69
C ALA B 78 -9.61 12.74 18.99
N LEU B 79 -8.97 13.20 17.91
CA LEU B 79 -7.82 14.09 18.03
C LEU B 79 -8.18 15.31 18.92
N MET B 80 -9.32 15.95 18.67
CA MET B 80 -9.70 17.09 19.51
C MET B 80 -9.75 16.66 20.95
N LYS B 81 -10.47 15.57 21.23
CA LYS B 81 -10.54 15.00 22.57
C LYS B 81 -9.17 14.70 23.23
N GLU B 82 -8.22 14.11 22.46
CA GLU B 82 -6.87 13.78 22.97
C GLU B 82 -5.98 14.99 23.26
N MET B 83 -6.10 16.03 22.41
CA MET B 83 -5.31 17.27 22.55
C MET B 83 -5.66 17.99 23.84
N LYS B 84 -6.93 18.23 24.04
CA LYS B 84 -7.46 18.88 25.24
C LYS B 84 -6.94 18.07 26.43
N GLU B 85 -7.11 16.74 26.34
CA GLU B 85 -6.65 15.81 27.36
C GLU B 85 -5.15 15.92 27.65
N LEU B 86 -4.33 16.10 26.61
CA LEU B 86 -2.88 16.25 26.84
C LEU B 86 -2.52 17.68 27.24
N GLU B 87 -3.17 18.66 26.62
CA GLU B 87 -2.97 20.07 26.91
C GLU B 87 -3.36 20.40 28.35
N ASP B 88 -4.51 19.91 28.79
CA ASP B 88 -4.96 20.13 30.18
C ASP B 88 -3.88 19.69 31.20
N ARG B 89 -2.99 18.79 30.79
CA ARG B 89 -1.91 18.30 31.64
C ARG B 89 -0.57 18.96 31.29
N GLY B 90 -0.56 19.96 30.41
CA GLY B 90 0.69 20.62 30.06
C GLY B 90 1.60 20.07 28.95
N ILE B 91 1.09 19.23 28.06
CA ILE B 91 1.93 18.73 26.99
C ILE B 91 1.51 19.53 25.77
N PRO B 92 2.37 20.44 25.29
CA PRO B 92 2.20 21.32 24.13
C PRO B 92 2.04 20.55 22.84
N VAL B 93 0.88 19.92 22.70
CA VAL B 93 0.51 19.07 21.56
C VAL B 93 0.61 19.78 20.20
N ARG B 94 -0.18 20.85 20.02
CA ARG B 94 -0.16 21.60 18.77
C ARG B 94 1.24 21.97 18.25
N GLU B 95 2.23 22.04 19.13
CA GLU B 95 3.56 22.40 18.66
C GLU B 95 4.52 21.22 18.44
N ARG B 96 4.06 20.01 18.77
CA ARG B 96 4.92 18.85 18.56
C ARG B 96 4.35 17.85 17.57
N LEU B 97 3.13 18.11 17.10
CA LEU B 97 2.41 17.22 16.18
C LEU B 97 2.05 17.87 14.83
N LEU B 98 2.10 17.09 13.75
CA LEU B 98 1.81 17.57 12.37
C LEU B 98 1.03 16.49 11.61
N LEU B 99 0.08 16.92 10.76
CA LEU B 99 -0.73 15.98 9.98
C LEU B 99 -0.42 16.01 8.49
N SER B 100 -0.95 15.03 7.76
CA SER B 100 -0.77 15.00 6.31
C SER B 100 -2.13 15.37 5.71
N GLU B 101 -2.11 15.99 4.51
CA GLU B 101 -3.34 16.41 3.80
C GLU B 101 -4.14 15.27 3.15
N ALA B 102 -3.45 14.17 2.87
CA ALA B 102 -4.11 13.06 2.25
C ALA B 102 -4.94 12.25 3.27
N CYS B 103 -4.75 12.55 4.56
CA CYS B 103 -5.47 11.86 5.61
C CYS B 103 -6.97 11.78 5.35
N PRO B 104 -7.53 10.56 5.31
CA PRO B 104 -8.97 10.49 5.05
C PRO B 104 -9.67 10.86 6.33
N LEU B 105 -10.83 11.50 6.20
CA LEU B 105 -11.55 11.94 7.39
C LEU B 105 -12.68 10.99 7.82
N ILE B 106 -12.74 10.76 9.13
CA ILE B 106 -13.75 9.94 9.81
C ILE B 106 -14.77 10.92 10.41
N LEU B 107 -15.95 10.95 9.81
CA LEU B 107 -17.01 11.84 10.29
C LEU B 107 -18.20 11.01 10.82
N ASP B 108 -19.25 11.70 11.26
CA ASP B 108 -20.40 11.05 11.84
C ASP B 108 -21.12 9.90 11.15
N TYR B 109 -21.38 10.02 9.86
CA TYR B 109 -22.06 8.97 9.12
C TYR B 109 -21.17 7.71 8.95
N HIS B 110 -19.86 7.89 9.10
CA HIS B 110 -18.94 6.74 8.98
C HIS B 110 -19.13 5.86 10.20
N VAL B 111 -19.19 6.51 11.36
CA VAL B 111 -19.36 5.83 12.62
C VAL B 111 -20.80 5.30 12.64
N ALA B 112 -21.73 6.13 12.16
CA ALA B 112 -23.11 5.73 12.08
C ALA B 112 -23.37 4.50 11.16
N LEU B 113 -22.51 4.27 10.17
CA LEU B 113 -22.59 3.12 9.23
C LEU B 113 -22.10 1.84 9.85
N ASP B 114 -20.98 1.94 10.57
CA ASP B 114 -20.41 0.78 11.27
C ASP B 114 -21.38 0.35 12.35
N ASN B 115 -21.81 1.31 13.17
CA ASN B 115 -22.78 1.06 14.24
C ASN B 115 -23.82 0.04 13.72
N ALA B 116 -24.44 0.33 12.57
CA ALA B 116 -25.47 -0.53 11.97
C ALA B 116 -25.04 -1.92 11.50
N ARG B 117 -23.90 -2.03 10.83
CA ARG B 117 -23.39 -3.33 10.37
C ARG B 117 -23.19 -4.30 11.56
N GLU B 118 -23.18 -3.78 12.79
CA GLU B 118 -23.08 -4.62 14.00
C GLU B 118 -24.50 -4.97 14.47
N LYS B 119 -25.36 -3.96 14.51
CA LYS B 119 -26.75 -4.15 14.90
C LYS B 119 -27.43 -5.20 13.99
N ALA B 120 -26.99 -5.27 12.72
CA ALA B 120 -27.52 -6.22 11.75
C ALA B 120 -27.02 -7.67 11.92
N ARG B 121 -26.03 -7.88 12.79
CA ARG B 121 -25.47 -9.22 13.04
C ARG B 121 -25.62 -9.63 14.52
N GLY B 122 -25.50 -8.63 15.40
CA GLY B 122 -25.63 -8.84 16.83
C GLY B 122 -24.77 -9.95 17.38
N ALA B 123 -25.39 -11.11 17.62
CA ALA B 123 -24.72 -12.28 18.19
C ALA B 123 -23.43 -12.64 17.47
N LYS B 124 -23.37 -12.35 16.18
CA LYS B 124 -22.16 -12.62 15.42
C LYS B 124 -21.55 -11.31 14.95
N ALA B 125 -21.59 -10.30 15.81
CA ALA B 125 -21.00 -9.02 15.47
C ALA B 125 -19.50 -9.29 15.42
N ILE B 126 -18.83 -8.73 14.42
CA ILE B 126 -17.40 -8.93 14.27
C ILE B 126 -16.67 -8.17 15.37
N GLY B 127 -17.42 -7.52 16.24
CA GLY B 127 -16.82 -6.76 17.31
C GLY B 127 -16.01 -5.62 16.75
N THR B 128 -16.06 -4.46 17.38
CA THR B 128 -15.29 -3.36 16.85
C THR B 128 -14.66 -2.49 17.92
N THR B 129 -13.60 -1.80 17.52
CA THR B 129 -12.89 -0.91 18.41
C THR B 129 -13.08 0.54 17.94
N GLY B 130 -12.23 0.97 17.01
CA GLY B 130 -12.27 2.33 16.50
C GLY B 130 -13.41 2.90 15.70
N ARG B 131 -14.52 2.20 15.53
CA ARG B 131 -15.68 2.77 14.81
C ARG B 131 -15.49 3.75 13.62
N GLY B 132 -15.90 3.29 12.43
CA GLY B 132 -15.77 4.09 11.22
C GLY B 132 -14.49 3.93 10.45
N ILE B 133 -13.46 3.39 11.13
CA ILE B 133 -12.18 3.16 10.50
C ILE B 133 -12.49 2.63 9.05
N GLY B 134 -13.05 1.43 8.92
CA GLY B 134 -13.39 0.86 7.61
C GLY B 134 -14.20 1.72 6.61
N PRO B 135 -15.43 2.14 6.95
CA PRO B 135 -16.19 2.96 6.00
C PRO B 135 -15.42 4.22 5.48
N ALA B 136 -14.32 4.59 6.14
CA ALA B 136 -13.51 5.70 5.64
C ALA B 136 -12.63 5.15 4.49
N TYR B 137 -12.18 3.92 4.63
CA TYR B 137 -11.33 3.33 3.63
C TYR B 137 -12.16 3.09 2.38
N GLU B 138 -13.32 2.46 2.53
CA GLU B 138 -14.18 2.25 1.36
C GLU B 138 -14.35 3.62 0.66
N ASP B 139 -14.87 4.62 1.40
CA ASP B 139 -15.11 5.97 0.85
C ASP B 139 -13.89 6.53 0.12
N LYS B 140 -12.69 6.22 0.59
CA LYS B 140 -11.46 6.67 -0.07
C LYS B 140 -11.11 5.94 -1.36
N VAL B 141 -11.37 4.64 -1.44
CA VAL B 141 -10.98 3.93 -2.64
C VAL B 141 -12.08 4.04 -3.70
N ALA B 142 -13.31 4.30 -3.27
CA ALA B 142 -14.38 4.50 -4.24
C ALA B 142 -14.32 5.96 -4.71
N ARG B 143 -13.35 6.70 -4.20
CA ARG B 143 -13.11 8.09 -4.54
C ARG B 143 -14.26 9.05 -4.20
N ARG B 144 -15.14 8.62 -3.31
CA ARG B 144 -16.22 9.53 -2.92
C ARG B 144 -15.88 10.34 -1.67
N GLY B 145 -14.85 9.95 -0.94
CA GLY B 145 -14.53 10.59 0.31
C GLY B 145 -14.02 12.01 0.40
N LEU B 146 -13.40 12.35 1.56
CA LEU B 146 -12.83 13.66 1.84
C LEU B 146 -11.53 13.53 2.61
N ARG B 147 -10.52 14.30 2.22
CA ARG B 147 -9.21 14.26 2.88
C ARG B 147 -9.20 15.41 3.84
N VAL B 148 -8.10 15.60 4.56
CA VAL B 148 -7.94 16.73 5.48
C VAL B 148 -7.72 18.00 4.60
N GLY B 149 -7.10 17.79 3.43
CA GLY B 149 -6.85 18.88 2.50
C GLY B 149 -8.07 19.72 2.15
N ASP B 150 -9.16 19.08 1.75
CA ASP B 150 -10.40 19.78 1.36
C ASP B 150 -10.89 20.84 2.32
N LEU B 151 -10.38 20.87 3.53
CA LEU B 151 -10.83 21.90 4.49
C LEU B 151 -10.28 23.26 4.10
N PHE B 152 -9.19 23.25 3.35
CA PHE B 152 -8.53 24.45 2.87
C PHE B 152 -9.49 25.29 2.00
N ASP B 153 -10.37 24.63 1.26
CA ASP B 153 -11.32 25.32 0.41
C ASP B 153 -12.71 25.12 1.04
N LYS B 154 -13.09 26.05 1.88
CA LYS B 154 -14.36 25.96 2.60
C LYS B 154 -15.67 25.96 1.79
N GLU B 155 -15.68 26.55 0.60
CA GLU B 155 -16.86 26.56 -0.26
C GLU B 155 -17.04 25.15 -0.83
N THR B 156 -16.01 24.61 -1.46
CA THR B 156 -16.07 23.26 -2.02
C THR B 156 -16.30 22.12 -1.00
N PHE B 157 -15.78 22.28 0.21
CA PHE B 157 -15.96 21.26 1.26
C PHE B 157 -17.47 20.83 1.39
N ALA B 158 -18.28 21.78 1.86
CA ALA B 158 -19.72 21.64 2.04
C ALA B 158 -20.45 21.08 0.83
N GLU B 159 -19.85 21.31 -0.33
N GLU B 159 -19.89 21.29 -0.36
CA GLU B 159 -20.39 20.86 -1.63
CA GLU B 159 -20.50 20.79 -1.60
C GLU B 159 -20.24 19.36 -1.76
C GLU B 159 -20.26 19.30 -1.71
N LYS B 160 -19.03 18.87 -1.50
CA LYS B 160 -18.68 17.46 -1.55
C LYS B 160 -19.43 16.76 -0.43
N LEU B 161 -19.33 17.34 0.78
CA LEU B 161 -19.99 16.79 1.98
C LEU B 161 -21.42 16.42 1.65
N LYS B 162 -22.13 17.40 1.06
CA LYS B 162 -23.53 17.25 0.69
C LYS B 162 -23.79 15.96 -0.09
N GLU B 163 -23.04 15.78 -1.17
CA GLU B 163 -23.17 14.62 -2.03
C GLU B 163 -22.95 13.31 -1.28
N VAL B 164 -21.75 13.14 -0.70
CA VAL B 164 -21.44 11.90 -0.01
C VAL B 164 -22.40 11.58 1.17
N MET B 165 -23.15 12.58 1.64
CA MET B 165 -24.10 12.36 2.73
C MET B 165 -25.44 11.88 2.26
N GLU B 166 -25.79 12.13 1.01
CA GLU B 166 -27.07 11.59 0.60
C GLU B 166 -26.83 10.16 0.13
N TYR B 167 -25.64 9.87 -0.38
CA TYR B 167 -25.36 8.49 -0.73
C TYR B 167 -25.51 7.63 0.56
N HIS B 168 -24.87 8.06 1.65
CA HIS B 168 -24.90 7.34 2.92
C HIS B 168 -26.25 7.32 3.64
N ASN B 169 -26.88 8.49 3.82
CA ASN B 169 -28.18 8.57 4.49
C ASN B 169 -29.18 7.70 3.76
N PHE B 170 -28.98 7.52 2.45
CA PHE B 170 -29.90 6.70 1.69
C PHE B 170 -29.82 5.30 2.20
N GLN B 171 -28.60 4.83 2.49
CA GLN B 171 -28.34 3.48 3.02
C GLN B 171 -28.76 3.32 4.47
N LEU B 172 -28.48 4.34 5.25
CA LEU B 172 -28.82 4.31 6.66
C LEU B 172 -30.32 4.12 6.84
N VAL B 173 -31.10 4.98 6.22
CA VAL B 173 -32.54 4.90 6.40
C VAL B 173 -33.29 3.89 5.51
N ASN B 174 -32.77 3.58 4.33
CA ASN B 174 -33.46 2.63 3.45
C ASN B 174 -33.06 1.15 3.41
N TYR B 175 -31.90 0.80 3.95
CA TYR B 175 -31.44 -0.59 3.92
C TYR B 175 -31.24 -1.10 5.34
N TYR B 176 -30.59 -0.27 6.13
CA TYR B 176 -30.28 -0.61 7.50
C TYR B 176 -31.45 -0.26 8.40
N LYS B 177 -32.32 0.64 7.95
CA LYS B 177 -33.50 1.10 8.72
C LYS B 177 -33.07 1.84 9.98
N ALA B 178 -31.96 2.58 9.88
CA ALA B 178 -31.40 3.35 10.97
C ALA B 178 -31.57 4.84 10.72
N GLU B 179 -31.27 5.69 11.69
CA GLU B 179 -31.43 7.13 11.49
C GLU B 179 -30.46 7.77 10.48
N ALA B 180 -30.93 8.82 9.82
CA ALA B 180 -30.10 9.53 8.87
C ALA B 180 -29.26 10.49 9.71
N VAL B 181 -28.02 10.70 9.31
CA VAL B 181 -27.16 11.62 10.05
C VAL B 181 -27.42 12.99 9.45
N ASP B 182 -27.57 13.99 10.32
CA ASP B 182 -27.86 15.38 9.94
C ASP B 182 -26.62 16.10 9.43
N TYR B 183 -26.69 16.46 8.15
CA TYR B 183 -25.63 17.14 7.42
C TYR B 183 -25.16 18.47 8.01
N GLN B 184 -26.11 19.36 8.27
CA GLN B 184 -25.75 20.67 8.79
C GLN B 184 -24.88 20.52 10.03
N LYS B 185 -25.19 19.54 10.87
N LYS B 185 -25.19 19.55 10.89
CA LYS B 185 -24.44 19.30 12.09
CA LYS B 185 -24.39 19.37 12.11
C LYS B 185 -22.97 18.97 11.82
C LYS B 185 -22.94 18.98 11.81
N VAL B 186 -22.75 18.01 10.92
CA VAL B 186 -21.42 17.56 10.53
C VAL B 186 -20.58 18.69 9.93
N LEU B 187 -21.20 19.51 9.09
CA LEU B 187 -20.51 20.66 8.49
C LEU B 187 -20.13 21.62 9.60
N ASP B 188 -21.08 21.91 10.48
CA ASP B 188 -20.86 22.83 11.59
C ASP B 188 -19.85 22.28 12.56
N ASP B 189 -19.94 20.99 12.85
CA ASP B 189 -18.95 20.40 13.75
C ASP B 189 -17.57 20.50 13.12
N THR B 190 -17.46 20.11 11.86
CA THR B 190 -16.19 20.16 11.12
C THR B 190 -15.63 21.59 10.93
N MET B 191 -16.45 22.55 10.58
CA MET B 191 -15.96 23.92 10.41
C MET B 191 -15.39 24.49 11.71
N ALA B 192 -15.82 23.96 12.87
CA ALA B 192 -15.29 24.42 14.18
C ALA B 192 -13.79 24.11 14.38
N VAL B 193 -13.37 22.88 14.14
CA VAL B 193 -11.95 22.55 14.31
C VAL B 193 -11.14 22.76 13.02
N ALA B 194 -11.74 23.33 11.98
CA ALA B 194 -11.02 23.50 10.72
C ALA B 194 -9.71 24.34 10.81
N ASP B 195 -9.81 25.51 11.44
CA ASP B 195 -8.65 26.39 11.61
C ASP B 195 -7.55 25.60 12.29
N ILE B 196 -7.93 24.79 13.27
CA ILE B 196 -6.98 23.97 14.02
C ILE B 196 -6.29 22.86 13.23
N LEU B 197 -7.02 22.11 12.41
CA LEU B 197 -6.39 21.03 11.67
C LEU B 197 -5.41 21.53 10.61
N THR B 198 -5.86 22.46 9.76
CA THR B 198 -5.00 23.00 8.70
C THR B 198 -3.74 23.62 9.23
N SER B 199 -3.74 24.04 10.49
CA SER B 199 -2.55 24.64 11.07
C SER B 199 -1.46 23.61 11.28
N MET B 200 -1.83 22.33 11.32
CA MET B 200 -0.86 21.26 11.53
C MET B 200 -0.42 20.57 10.23
N VAL B 201 -1.13 20.78 9.12
CA VAL B 201 -0.74 20.14 7.86
C VAL B 201 0.66 20.53 7.34
N VAL B 202 1.35 19.56 6.74
CA VAL B 202 2.73 19.72 6.24
C VAL B 202 3.02 18.71 5.08
N ASP B 203 4.14 18.90 4.38
CA ASP B 203 4.56 17.97 3.31
C ASP B 203 5.37 16.77 3.86
N VAL B 204 4.65 15.78 4.38
CA VAL B 204 5.26 14.59 4.96
C VAL B 204 6.35 13.92 4.09
N SER B 205 6.13 13.76 2.76
CA SER B 205 7.13 13.14 1.86
C SER B 205 8.42 13.86 1.97
N ASP B 206 8.34 15.18 1.72
CA ASP B 206 9.52 16.06 1.73
C ASP B 206 10.15 16.08 3.06
N LEU B 207 9.35 16.36 4.08
CA LEU B 207 9.89 16.40 5.43
C LEU B 207 10.70 15.14 5.78
N LEU B 208 10.13 13.94 5.62
CA LEU B 208 10.86 12.70 5.95
C LEU B 208 12.06 12.51 5.04
N ASP B 209 11.91 12.81 3.75
CA ASP B 209 13.02 12.70 2.81
C ASP B 209 14.20 13.61 3.26
N GLN B 210 13.86 14.78 3.78
CA GLN B 210 14.91 15.66 4.30
C GLN B 210 15.57 15.01 5.53
N ALA B 211 14.78 14.44 6.44
CA ALA B 211 15.32 13.74 7.65
C ALA B 211 16.30 12.64 7.26
N ARG B 212 15.88 11.85 6.28
CA ARG B 212 16.66 10.74 5.75
C ARG B 212 18.00 11.24 5.25
N GLN B 213 18.00 12.25 4.37
CA GLN B 213 19.28 12.75 3.86
C GLN B 213 20.07 13.48 4.92
N ARG B 214 19.42 13.89 5.98
CA ARG B 214 20.15 14.55 7.07
C ARG B 214 20.74 13.47 7.96
N GLY B 215 20.13 12.28 7.95
CA GLY B 215 20.58 11.17 8.76
C GLY B 215 19.86 11.11 10.10
N ASP B 216 18.76 11.83 10.23
CA ASP B 216 18.05 11.81 11.48
C ASP B 216 17.39 10.43 11.74
N PHE B 217 17.22 10.05 13.01
CA PHE B 217 16.63 8.76 13.35
C PHE B 217 15.15 8.86 13.16
N VAL B 218 14.53 7.96 12.40
CA VAL B 218 13.07 8.02 12.24
C VAL B 218 12.44 6.68 12.61
N MET B 219 11.36 6.74 13.37
CA MET B 219 10.69 5.52 13.71
C MET B 219 9.26 5.42 13.20
N PHE B 220 8.98 4.37 12.44
CA PHE B 220 7.64 4.12 11.93
C PHE B 220 6.97 3.10 12.87
N GLU B 221 5.72 3.33 13.24
CA GLU B 221 5.06 2.37 14.11
C GLU B 221 3.73 1.78 13.70
N GLY B 222 3.72 0.46 13.62
CA GLY B 222 2.53 -0.26 13.23
C GLY B 222 1.50 -0.23 14.34
N ALA B 223 0.24 -0.37 13.98
CA ALA B 223 -0.76 -0.39 15.03
C ALA B 223 -1.40 -1.77 15.20
N GLN B 224 -1.40 -2.64 14.17
CA GLN B 224 -2.02 -3.97 14.26
C GLN B 224 -1.10 -5.10 13.81
N GLY B 225 -1.32 -6.30 14.34
CA GLY B 225 -0.51 -7.45 14.00
C GLY B 225 -0.46 -7.77 12.52
N THR B 226 0.65 -8.40 12.12
CA THR B 226 0.93 -8.79 10.75
C THR B 226 -0.18 -9.69 10.18
N LEU B 227 -0.60 -10.68 10.95
CA LEU B 227 -1.58 -11.62 10.40
C LEU B 227 -2.99 -11.13 10.16
N LEU B 228 -3.25 -9.88 10.54
CA LEU B 228 -4.56 -9.27 10.32
C LEU B 228 -4.60 -8.49 8.99
N ASP B 229 -3.49 -8.52 8.27
CA ASP B 229 -3.35 -7.79 7.04
C ASP B 229 -4.44 -8.08 6.05
N ILE B 230 -5.04 -6.99 5.56
CA ILE B 230 -6.14 -7.03 4.61
C ILE B 230 -5.78 -7.81 3.37
N ASP B 231 -4.50 -7.88 3.04
CA ASP B 231 -4.07 -8.65 1.88
C ASP B 231 -3.38 -9.98 2.12
N HIS B 232 -2.71 -10.11 3.26
CA HIS B 232 -1.95 -11.31 3.50
C HIS B 232 -2.25 -12.16 4.73
N GLY B 233 -3.27 -11.73 5.50
CA GLY B 233 -3.67 -12.43 6.70
C GLY B 233 -4.88 -13.30 6.47
N THR B 234 -5.47 -13.85 7.54
CA THR B 234 -6.60 -14.76 7.40
C THR B 234 -7.99 -14.21 6.92
N TYR B 235 -8.12 -13.94 5.62
CA TYR B 235 -9.38 -13.44 5.07
C TYR B 235 -10.53 -14.37 5.48
N PRO B 236 -11.68 -13.78 5.84
CA PRO B 236 -11.86 -12.34 5.89
C PRO B 236 -11.61 -11.90 7.33
N TYR B 237 -11.00 -12.78 8.14
CA TYR B 237 -10.70 -12.45 9.55
C TYR B 237 -9.50 -11.52 9.61
N VAL B 238 -9.69 -10.37 8.99
CA VAL B 238 -8.63 -9.39 8.91
C VAL B 238 -9.17 -8.01 9.23
N THR B 239 -8.27 -7.04 9.19
CA THR B 239 -8.58 -5.64 9.44
C THR B 239 -8.76 -4.96 8.05
N SER B 240 -9.16 -3.69 8.04
CA SER B 240 -9.41 -2.92 6.80
C SER B 240 -8.19 -2.17 6.16
N SER B 241 -7.01 -2.36 6.74
CA SER B 241 -5.82 -1.69 6.24
C SER B 241 -4.68 -2.69 6.21
N ASN B 242 -3.63 -2.40 5.42
CA ASN B 242 -2.44 -3.25 5.34
C ASN B 242 -1.72 -2.93 6.67
N THR B 243 -1.22 -3.97 7.33
CA THR B 243 -0.56 -3.85 8.62
C THR B 243 0.92 -4.12 8.58
N THR B 244 1.37 -4.86 7.57
CA THR B 244 2.78 -5.20 7.43
C THR B 244 3.66 -3.97 7.12
N ALA B 245 4.95 -4.20 6.90
CA ALA B 245 5.86 -3.09 6.58
C ALA B 245 5.61 -2.52 5.16
N GLY B 246 5.09 -3.31 4.24
CA GLY B 246 4.86 -2.81 2.90
C GLY B 246 3.96 -1.58 2.85
N GLY B 247 3.24 -1.32 3.95
CA GLY B 247 2.31 -0.21 3.99
C GLY B 247 2.94 1.07 4.47
N VAL B 248 4.23 1.01 4.71
CA VAL B 248 4.98 2.18 5.17
C VAL B 248 5.25 3.14 4.03
N ALA B 249 5.61 2.62 2.88
CA ALA B 249 5.91 3.52 1.78
C ALA B 249 4.64 4.21 1.33
N THR B 250 3.56 3.47 1.44
CA THR B 250 2.23 3.84 1.01
C THR B 250 1.50 4.78 1.94
N GLY B 251 1.53 4.49 3.24
CA GLY B 251 0.88 5.33 4.19
C GLY B 251 1.75 6.43 4.70
N SER B 252 2.85 6.74 4.00
CA SER B 252 3.78 7.86 4.39
C SER B 252 4.18 8.71 3.19
N GLY B 253 4.49 8.02 2.08
CA GLY B 253 4.93 8.61 0.84
C GLY B 253 6.43 8.64 0.81
N LEU B 254 7.03 7.69 1.52
CA LEU B 254 8.48 7.57 1.62
C LEU B 254 8.86 6.24 0.94
N GLY B 255 9.50 6.34 -0.23
CA GLY B 255 9.88 5.16 -1.01
C GLY B 255 10.45 3.96 -0.25
N PRO B 256 10.03 2.76 -0.66
CA PRO B 256 10.43 1.46 -0.08
C PRO B 256 11.92 1.20 0.23
N ARG B 257 12.79 1.42 -0.76
CA ARG B 257 14.21 1.17 -0.56
C ARG B 257 14.75 1.89 0.66
N TYR B 258 14.06 2.93 1.13
CA TYR B 258 14.53 3.70 2.30
C TYR B 258 14.19 3.16 3.69
N VAL B 259 13.74 1.89 3.76
CA VAL B 259 13.48 1.26 5.05
C VAL B 259 14.80 0.56 5.42
N ASP B 260 15.38 0.86 6.58
CA ASP B 260 16.64 0.24 6.92
C ASP B 260 16.58 -1.05 7.75
N TYR B 261 15.81 -1.00 8.85
CA TYR B 261 15.70 -2.11 9.79
C TYR B 261 14.25 -2.17 10.08
N VAL B 262 13.73 -3.40 10.23
CA VAL B 262 12.30 -3.66 10.51
C VAL B 262 12.30 -4.58 11.74
N LEU B 263 11.71 -4.11 12.85
CA LEU B 263 11.73 -4.89 14.08
C LEU B 263 10.43 -5.56 14.45
N GLY B 264 10.43 -6.90 14.44
CA GLY B 264 9.24 -7.66 14.77
C GLY B 264 8.98 -7.83 16.27
N ILE B 265 7.88 -7.23 16.77
CA ILE B 265 7.51 -7.35 18.19
C ILE B 265 6.87 -8.71 18.37
N LEU B 266 7.60 -9.62 19.03
CA LEU B 266 7.18 -11.02 19.19
C LEU B 266 6.87 -11.54 20.61
N LYS B 267 5.63 -12.00 20.81
CA LYS B 267 5.26 -12.55 22.14
C LYS B 267 5.79 -13.97 22.35
N ALA B 268 6.22 -14.27 23.57
CA ALA B 268 6.75 -15.59 23.91
C ALA B 268 5.80 -16.75 23.49
N TYR B 269 4.50 -16.46 23.46
CA TYR B 269 3.41 -17.39 23.07
C TYR B 269 2.35 -16.65 22.21
N SER B 270 1.31 -17.36 21.76
CA SER B 270 0.30 -16.77 20.89
C SER B 270 -1.04 -16.37 21.54
N THR B 271 -1.73 -15.40 20.97
CA THR B 271 -3.04 -14.93 21.46
C THR B 271 -3.81 -14.42 20.26
N ARG B 272 -5.14 -14.46 20.33
CA ARG B 272 -5.98 -13.95 19.25
C ARG B 272 -7.24 -13.41 19.87
N VAL B 273 -7.81 -12.35 19.28
CA VAL B 273 -9.09 -11.79 19.78
C VAL B 273 -10.17 -12.07 18.72
N GLY B 274 -11.33 -12.53 19.14
CA GLY B 274 -12.36 -12.81 18.14
C GLY B 274 -12.07 -14.00 17.22
N ALA B 275 -12.99 -14.19 16.27
CA ALA B 275 -12.97 -15.30 15.31
C ALA B 275 -11.73 -15.54 14.44
N GLY B 276 -11.52 -16.78 13.99
CA GLY B 276 -10.39 -17.04 13.12
C GLY B 276 -9.52 -18.23 13.48
N PRO B 277 -8.87 -18.85 12.47
CA PRO B 277 -7.98 -20.00 12.65
C PRO B 277 -6.82 -19.67 13.57
N PHE B 278 -6.24 -20.69 14.19
CA PHE B 278 -5.18 -20.52 15.18
C PHE B 278 -4.88 -21.94 15.69
N PRO B 279 -4.25 -22.80 14.86
CA PRO B 279 -3.98 -24.16 15.34
C PRO B 279 -3.26 -24.41 16.66
N THR B 280 -2.48 -23.46 17.22
CA THR B 280 -1.81 -23.75 18.50
C THR B 280 -2.68 -23.44 19.73
N GLU B 281 -3.86 -22.87 19.47
CA GLU B 281 -4.79 -22.51 20.54
C GLU B 281 -4.95 -23.74 21.42
N LEU B 282 -4.83 -23.54 22.74
CA LEU B 282 -4.92 -24.61 23.75
C LEU B 282 -6.25 -24.61 24.45
N PHE B 283 -6.73 -25.82 24.76
CA PHE B 283 -8.00 -25.96 25.47
C PHE B 283 -7.87 -26.72 26.81
N ASP B 284 -6.78 -26.44 27.52
CA ASP B 284 -6.50 -27.07 28.80
C ASP B 284 -6.01 -26.03 29.84
N GLU B 285 -5.61 -26.50 31.00
CA GLU B 285 -5.14 -25.67 32.10
C GLU B 285 -3.82 -24.99 31.78
N THR B 286 -3.04 -25.63 30.89
CA THR B 286 -1.76 -25.12 30.39
C THR B 286 -2.09 -23.88 29.59
N GLY B 287 -3.23 -23.96 28.90
CA GLY B 287 -3.74 -22.86 28.12
C GLY B 287 -4.01 -21.76 29.12
N GLU B 288 -5.00 -21.97 29.99
CA GLU B 288 -5.38 -20.97 31.00
C GLU B 288 -4.25 -20.41 31.87
N PHE B 289 -3.21 -21.20 32.08
CA PHE B 289 -2.07 -20.75 32.85
C PHE B 289 -1.62 -19.44 32.20
N LEU B 290 -1.20 -19.54 30.94
CA LEU B 290 -0.73 -18.41 30.15
C LEU B 290 -1.79 -17.30 30.11
N CYS B 291 -3.06 -17.66 30.27
CA CYS B 291 -4.01 -16.59 30.28
C CYS B 291 -3.75 -15.77 31.56
N LYS B 292 -3.85 -16.42 32.71
CA LYS B 292 -3.67 -15.70 33.98
C LYS B 292 -2.29 -15.14 34.26
N GLN B 293 -1.25 -15.87 33.87
CA GLN B 293 0.12 -15.41 34.10
C GLN B 293 0.53 -14.14 33.37
N GLY B 294 -0.15 -13.84 32.26
CA GLY B 294 0.17 -12.63 31.50
C GLY B 294 -0.99 -11.65 31.38
N ASN B 295 -1.95 -11.78 32.28
CA ASN B 295 -3.10 -10.90 32.29
C ASN B 295 -3.68 -10.68 30.88
N GLU B 296 -4.13 -11.79 30.27
CA GLU B 296 -4.71 -11.74 28.94
C GLU B 296 -6.22 -11.72 29.03
N PHE B 297 -6.73 -10.63 29.59
CA PHE B 297 -8.17 -10.43 29.74
C PHE B 297 -8.47 -9.20 28.92
N GLY B 298 -9.71 -9.10 28.46
CA GLY B 298 -10.15 -7.96 27.65
C GLY B 298 -10.21 -6.66 28.43
N ALA B 299 -9.90 -5.54 27.80
CA ALA B 299 -9.91 -4.27 28.50
C ALA B 299 -11.20 -3.46 28.44
N THR B 300 -11.99 -3.63 27.38
CA THR B 300 -13.24 -2.86 27.21
C THR B 300 -14.49 -3.73 27.10
N THR B 301 -14.39 -5.00 27.49
CA THR B 301 -15.53 -5.91 27.43
C THR B 301 -15.35 -7.01 28.46
N GLY B 302 -14.10 -7.21 28.88
CA GLY B 302 -13.79 -8.23 29.87
C GLY B 302 -13.53 -9.60 29.28
N ARG B 303 -13.90 -9.79 28.01
CA ARG B 303 -13.72 -11.07 27.32
C ARG B 303 -12.31 -11.62 27.55
N ARG B 304 -12.13 -12.91 27.30
CA ARG B 304 -10.83 -13.56 27.45
C ARG B 304 -10.15 -13.63 26.07
N ARG B 305 -8.83 -13.75 26.07
CA ARG B 305 -8.11 -13.85 24.81
C ARG B 305 -7.68 -15.30 24.60
N ARG B 306 -7.98 -15.83 23.43
CA ARG B 306 -7.60 -17.20 23.14
C ARG B 306 -6.10 -17.31 23.33
N THR B 307 -5.64 -18.45 23.86
CA THR B 307 -4.20 -18.66 24.02
C THR B 307 -3.76 -20.00 23.48
N GLY B 308 -2.45 -20.12 23.29
CA GLY B 308 -1.87 -21.33 22.74
C GLY B 308 -0.38 -21.10 22.66
N TRP B 309 0.36 -22.14 22.31
CA TRP B 309 1.81 -22.04 22.20
C TRP B 309 2.29 -21.12 21.07
N LEU B 310 3.61 -20.91 20.98
CA LEU B 310 4.20 -20.10 19.90
C LEU B 310 4.16 -20.98 18.60
N ASP B 311 3.66 -20.39 17.51
CA ASP B 311 3.56 -21.06 16.20
C ASP B 311 4.60 -20.50 15.28
N THR B 312 5.69 -21.22 15.05
CA THR B 312 6.76 -20.71 14.20
C THR B 312 6.55 -20.73 12.65
N VAL B 313 5.42 -21.30 12.22
CA VAL B 313 5.11 -21.33 10.80
C VAL B 313 4.48 -19.97 10.46
N ALA B 314 3.52 -19.57 11.27
CA ALA B 314 2.84 -18.29 11.11
C ALA B 314 3.91 -17.20 11.23
N VAL B 315 4.70 -17.30 12.29
CA VAL B 315 5.79 -16.36 12.56
C VAL B 315 6.70 -16.29 11.32
N ARG B 316 7.06 -17.45 10.77
CA ARG B 316 7.91 -17.49 9.59
C ARG B 316 7.22 -16.74 8.40
N ARG B 317 5.89 -16.74 8.37
CA ARG B 317 5.19 -16.05 7.31
C ARG B 317 5.42 -14.59 7.49
N ALA B 318 5.34 -14.13 8.73
CA ALA B 318 5.54 -12.70 9.08
C ALA B 318 6.93 -12.24 8.76
N VAL B 319 7.89 -13.14 8.79
CA VAL B 319 9.25 -12.76 8.42
C VAL B 319 9.26 -12.47 6.89
N GLN B 320 8.75 -13.41 6.07
CA GLN B 320 8.66 -13.25 4.60
C GLN B 320 8.09 -11.86 4.25
N LEU B 321 6.80 -11.66 4.59
CA LEU B 321 6.08 -10.42 4.32
C LEU B 321 6.66 -9.10 4.84
N ASN B 322 7.36 -9.13 5.98
CA ASN B 322 7.97 -7.92 6.53
C ASN B 322 9.47 -7.80 6.29
N SER B 323 10.04 -8.75 5.55
CA SER B 323 11.48 -8.73 5.33
C SER B 323 12.09 -8.32 6.68
N LEU B 324 11.64 -9.06 7.68
CA LEU B 324 12.06 -8.85 9.05
C LEU B 324 13.56 -8.81 9.30
N SER B 325 13.99 -7.81 10.03
CA SER B 325 15.40 -7.72 10.37
C SER B 325 15.76 -8.46 11.72
N GLY B 326 15.02 -8.13 12.78
CA GLY B 326 15.26 -8.70 14.07
C GLY B 326 13.98 -8.84 14.88
N PHE B 327 14.07 -9.53 16.04
CA PHE B 327 12.95 -9.74 16.96
C PHE B 327 13.16 -9.06 18.28
N CYS B 328 12.05 -8.63 18.84
CA CYS B 328 12.00 -8.08 20.15
C CYS B 328 11.07 -9.10 20.85
N LEU B 329 11.66 -10.00 21.64
CA LEU B 329 10.89 -10.99 22.38
C LEU B 329 10.17 -10.40 23.64
N THR B 330 8.87 -10.61 23.79
CA THR B 330 8.16 -10.12 24.98
C THR B 330 7.49 -11.28 25.80
N LYS B 331 7.10 -10.94 27.02
CA LYS B 331 6.42 -11.80 27.99
C LYS B 331 6.93 -13.22 28.17
N LEU B 332 8.24 -13.40 28.32
CA LEU B 332 8.86 -14.75 28.46
C LEU B 332 8.55 -15.35 29.84
N ASP B 333 8.84 -14.57 30.86
CA ASP B 333 8.58 -14.88 32.26
C ASP B 333 7.16 -15.34 32.46
N VAL B 334 6.33 -15.29 31.42
CA VAL B 334 4.98 -15.79 31.54
C VAL B 334 5.05 -17.30 31.55
N LEU B 335 6.12 -17.83 30.96
CA LEU B 335 6.30 -19.27 30.91
C LEU B 335 6.99 -19.82 32.18
N ASP B 336 7.58 -18.92 32.97
CA ASP B 336 8.22 -19.27 34.25
C ASP B 336 7.26 -20.14 35.04
N GLY B 337 7.73 -21.33 35.42
CA GLY B 337 6.94 -22.26 36.20
C GLY B 337 6.44 -23.50 35.50
N LEU B 338 6.56 -23.57 34.16
CA LEU B 338 6.10 -24.73 33.41
C LEU B 338 7.07 -25.92 33.38
N LYS B 339 6.54 -27.14 33.46
CA LYS B 339 7.39 -28.34 33.45
C LYS B 339 8.02 -28.53 32.07
N GLU B 340 7.14 -28.39 31.06
CA GLU B 340 7.49 -28.49 29.66
C GLU B 340 6.92 -27.26 28.93
N VAL B 341 7.53 -26.99 27.78
CA VAL B 341 7.25 -25.87 26.93
C VAL B 341 7.38 -26.38 25.48
N LYS B 342 6.45 -25.98 24.62
CA LYS B 342 6.44 -26.39 23.21
C LYS B 342 6.53 -25.25 22.20
N LEU B 343 6.88 -25.64 20.98
CA LEU B 343 7.05 -24.75 19.81
C LEU B 343 6.50 -25.50 18.59
N CYS B 344 5.53 -24.92 17.90
CA CYS B 344 4.94 -25.53 16.71
C CYS B 344 5.97 -25.38 15.62
N VAL B 345 6.54 -26.49 15.21
CA VAL B 345 7.56 -26.44 14.20
C VAL B 345 7.03 -26.78 12.80
N ALA B 346 5.72 -27.01 12.67
CA ALA B 346 5.14 -27.42 11.41
C ALA B 346 3.68 -27.76 11.52
N TYR B 347 3.04 -27.86 10.34
CA TYR B 347 1.65 -28.22 10.18
C TYR B 347 1.59 -29.55 9.39
N ARG B 348 0.71 -30.46 9.81
CA ARG B 348 0.49 -31.73 9.17
C ARG B 348 -0.90 -31.59 8.53
N MET B 349 -1.00 -31.82 7.23
CA MET B 349 -2.26 -31.67 6.55
C MET B 349 -3.01 -33.01 6.38
N PRO B 350 -4.34 -32.96 6.12
CA PRO B 350 -5.18 -34.14 5.94
C PRO B 350 -4.53 -35.28 5.15
N ASP B 351 -3.99 -34.97 3.97
CA ASP B 351 -3.30 -35.97 3.15
C ASP B 351 -2.03 -36.56 3.80
N GLY B 352 -1.56 -35.97 4.91
CA GLY B 352 -0.37 -36.49 5.57
C GLY B 352 0.92 -35.71 5.37
N ARG B 353 0.85 -34.61 4.64
CA ARG B 353 2.02 -33.79 4.34
C ARG B 353 2.33 -32.78 5.43
N GLU B 354 3.59 -32.70 5.86
CA GLU B 354 3.98 -31.69 6.84
C GLU B 354 4.64 -30.59 6.01
N VAL B 355 4.21 -29.36 6.24
CA VAL B 355 4.72 -28.20 5.52
C VAL B 355 5.15 -27.14 6.55
N THR B 356 6.11 -26.28 6.17
CA THR B 356 6.60 -25.19 7.02
C THR B 356 6.04 -23.89 6.48
N THR B 357 4.86 -23.96 5.88
CA THR B 357 4.27 -22.80 5.25
C THR B 357 2.76 -22.74 5.54
N THR B 358 2.28 -21.53 5.82
CA THR B 358 0.87 -21.32 6.16
C THR B 358 0.01 -21.56 4.95
N PRO B 359 -1.24 -21.99 5.17
CA PRO B 359 -2.21 -22.25 4.12
C PRO B 359 -2.80 -20.93 3.67
N LEU B 360 -3.43 -20.96 2.50
CA LEU B 360 -4.01 -19.78 1.89
C LEU B 360 -5.47 -19.57 2.20
N ALA B 361 -6.28 -20.55 1.80
CA ALA B 361 -7.73 -20.52 1.96
C ALA B 361 -8.22 -20.46 3.40
N ALA B 362 -9.44 -19.97 3.57
CA ALA B 362 -10.09 -19.89 4.86
C ALA B 362 -10.29 -21.32 5.34
N ASP B 363 -10.90 -22.13 4.49
CA ASP B 363 -11.14 -23.53 4.80
C ASP B 363 -9.85 -24.29 5.08
N ASP B 364 -8.82 -24.12 4.25
CA ASP B 364 -7.55 -24.86 4.41
C ASP B 364 -7.01 -24.91 5.86
N TRP B 365 -7.16 -23.80 6.58
CA TRP B 365 -6.78 -23.71 7.98
C TRP B 365 -7.63 -24.67 8.89
N LYS B 366 -8.52 -25.48 8.31
CA LYS B 366 -9.40 -26.38 9.07
C LYS B 366 -8.86 -27.72 9.54
N GLY B 367 -8.09 -28.39 8.70
CA GLY B 367 -7.58 -29.70 9.03
C GLY B 367 -6.18 -29.78 9.64
N VAL B 368 -5.44 -28.69 9.51
CA VAL B 368 -4.07 -28.54 10.03
C VAL B 368 -3.91 -29.06 11.44
N GLU B 369 -2.79 -29.72 11.71
CA GLU B 369 -2.44 -30.19 13.05
C GLU B 369 -0.99 -29.79 13.41
N PRO B 370 -0.81 -29.08 14.51
CA PRO B 370 0.56 -28.70 14.85
C PRO B 370 1.40 -29.90 15.18
N ILE B 371 2.64 -29.89 14.67
CA ILE B 371 3.63 -30.93 14.91
C ILE B 371 4.58 -30.25 15.92
N TYR B 372 4.33 -30.51 17.20
CA TYR B 372 5.15 -29.90 18.23
C TYR B 372 6.47 -30.56 18.60
N GLU B 373 7.36 -29.71 19.08
CA GLU B 373 8.68 -30.09 19.58
C GLU B 373 8.53 -29.64 21.01
N THR B 374 8.73 -30.56 21.95
CA THR B 374 8.60 -30.26 23.39
C THR B 374 9.91 -30.16 24.15
N MET B 375 10.14 -29.02 24.77
CA MET B 375 11.39 -28.87 25.51
C MET B 375 11.12 -28.61 27.02
N PRO B 376 12.15 -28.83 27.89
CA PRO B 376 12.10 -28.65 29.35
C PRO B 376 11.74 -27.26 29.74
N GLY B 377 11.02 -27.14 30.84
CA GLY B 377 10.66 -25.81 31.34
C GLY B 377 11.69 -25.24 32.30
N TRP B 378 11.30 -24.21 33.01
CA TRP B 378 12.21 -23.59 33.97
C TRP B 378 11.41 -23.01 35.14
N SER B 379 11.89 -23.29 36.34
CA SER B 379 11.18 -22.80 37.51
C SER B 379 11.62 -21.42 38.00
N GLU B 380 12.88 -21.06 37.73
CA GLU B 380 13.38 -19.76 38.17
C GLU B 380 12.67 -18.59 37.48
N SER B 381 12.72 -17.40 38.07
CA SER B 381 12.04 -16.23 37.52
C SER B 381 12.88 -15.41 36.57
N THR B 382 12.32 -15.10 35.42
CA THR B 382 13.05 -14.32 34.42
C THR B 382 12.65 -12.82 34.43
N PHE B 383 11.60 -12.47 35.19
CA PHE B 383 11.10 -11.10 35.30
C PHE B 383 12.19 -10.16 35.83
N GLY B 384 12.42 -9.05 35.12
CA GLY B 384 13.45 -8.09 35.51
C GLY B 384 14.91 -8.43 35.21
N VAL B 385 15.22 -9.65 34.79
CA VAL B 385 16.62 -9.99 34.52
C VAL B 385 17.17 -8.97 33.50
N LYS B 386 18.43 -8.54 33.68
CA LYS B 386 19.00 -7.51 32.80
C LYS B 386 20.12 -7.95 31.91
N ASP B 387 20.79 -9.03 32.31
CA ASP B 387 21.90 -9.56 31.53
C ASP B 387 21.57 -11.00 31.10
N ARG B 388 22.18 -11.45 30.02
CA ARG B 388 21.92 -12.78 29.50
C ARG B 388 22.47 -13.89 30.37
N SER B 389 23.31 -13.53 31.34
CA SER B 389 23.91 -14.51 32.23
C SER B 389 22.87 -15.06 33.18
N GLY B 390 22.22 -14.17 33.94
CA GLY B 390 21.21 -14.58 34.91
C GLY B 390 19.95 -15.21 34.34
N LEU B 391 20.11 -15.89 33.22
CA LEU B 391 18.97 -16.50 32.55
C LEU B 391 19.18 -18.00 32.57
N PRO B 392 18.16 -18.77 32.97
CA PRO B 392 18.41 -20.21 32.97
C PRO B 392 18.70 -20.70 31.55
N GLN B 393 19.70 -21.57 31.41
CA GLN B 393 20.08 -22.19 30.14
C GLN B 393 18.83 -22.64 29.38
N ALA B 394 17.80 -23.08 30.11
CA ALA B 394 16.56 -23.49 29.47
C ALA B 394 15.92 -22.31 28.72
N ALA B 395 15.89 -21.10 29.30
CA ALA B 395 15.30 -19.96 28.54
C ALA B 395 16.25 -19.67 27.38
N LEU B 396 17.51 -19.97 27.59
CA LEU B 396 18.50 -19.77 26.56
C LEU B 396 18.23 -20.66 25.36
N ASN B 397 18.13 -21.96 25.55
CA ASN B 397 17.87 -22.87 24.43
C ASN B 397 16.51 -22.56 23.75
N TYR B 398 15.50 -22.18 24.50
CA TYR B 398 14.21 -21.85 23.88
C TYR B 398 14.31 -20.63 22.94
N ILE B 399 14.99 -19.59 23.40
CA ILE B 399 15.23 -18.37 22.65
C ILE B 399 16.06 -18.80 21.41
N LYS B 400 17.04 -19.67 21.66
CA LYS B 400 17.91 -20.19 20.59
C LYS B 400 17.10 -20.89 19.53
N ARG B 401 16.17 -21.71 19.96
CA ARG B 401 15.38 -22.50 19.02
C ARG B 401 14.56 -21.63 18.05
N ILE B 402 13.84 -20.67 18.57
CA ILE B 402 13.03 -19.78 17.77
C ILE B 402 13.86 -19.19 16.62
N GLU B 403 15.13 -18.89 16.86
CA GLU B 403 16.03 -18.33 15.84
C GLU B 403 16.40 -19.32 14.75
N GLU B 404 16.72 -20.55 15.17
CA GLU B 404 17.07 -21.61 14.25
C GLU B 404 15.93 -21.88 13.28
N LEU B 405 14.71 -21.74 13.75
CA LEU B 405 13.53 -21.97 12.96
C LEU B 405 13.10 -20.83 12.06
N THR B 406 13.55 -19.61 12.36
CA THR B 406 13.12 -18.44 11.60
C THR B 406 14.16 -17.71 10.78
N GLY B 407 15.43 -17.84 11.18
CA GLY B 407 16.53 -17.18 10.50
C GLY B 407 16.73 -15.75 10.94
N VAL B 408 15.81 -15.26 11.77
CA VAL B 408 15.91 -13.88 12.24
C VAL B 408 16.43 -13.82 13.64
N PRO B 409 17.41 -12.96 13.88
CA PRO B 409 17.94 -12.91 15.26
C PRO B 409 17.05 -12.20 16.25
N ILE B 410 17.11 -12.62 17.50
CA ILE B 410 16.38 -11.91 18.54
C ILE B 410 17.41 -10.81 18.93
N ASP B 411 17.11 -9.55 18.63
CA ASP B 411 18.00 -8.45 18.94
C ASP B 411 17.70 -7.71 20.23
N ILE B 412 16.50 -7.94 20.76
CA ILE B 412 16.11 -7.32 22.03
C ILE B 412 15.23 -8.24 22.87
N ILE B 413 15.51 -8.26 24.17
CA ILE B 413 14.66 -9.05 25.06
C ILE B 413 14.11 -8.09 26.12
N SER B 414 12.81 -7.84 26.10
CA SER B 414 12.21 -6.95 27.12
C SER B 414 11.77 -7.80 28.34
N THR B 415 12.48 -7.65 29.46
CA THR B 415 12.19 -8.43 30.66
C THR B 415 11.24 -7.80 31.71
N GLY B 416 10.36 -6.87 31.30
CA GLY B 416 9.44 -6.21 32.21
C GLY B 416 9.18 -4.76 31.83
N PRO B 417 8.37 -4.00 32.58
CA PRO B 417 8.08 -2.60 32.24
C PRO B 417 9.14 -1.48 32.53
N ASP B 418 10.03 -1.62 33.48
CA ASP B 418 10.96 -0.51 33.64
C ASP B 418 11.78 -0.36 32.33
N ARG B 419 12.34 0.83 32.08
CA ARG B 419 13.12 1.09 30.89
C ARG B 419 14.36 0.21 30.83
N THR B 420 14.89 -0.08 32.03
CA THR B 420 16.12 -0.86 32.22
C THR B 420 16.07 -2.42 32.17
N GLU B 421 14.91 -3.03 32.32
CA GLU B 421 14.81 -4.49 32.27
C GLU B 421 14.70 -4.84 30.77
N THR B 422 15.80 -4.59 30.05
CA THR B 422 15.78 -4.82 28.63
C THR B 422 17.17 -5.20 28.14
N MET B 423 17.23 -6.33 27.44
CA MET B 423 18.47 -6.80 26.86
C MET B 423 18.48 -6.38 25.41
N ILE B 424 19.44 -5.52 25.11
CA ILE B 424 19.61 -5.00 23.77
C ILE B 424 20.81 -5.65 23.21
N LEU B 425 20.56 -6.74 22.49
CA LEU B 425 21.63 -7.47 21.85
C LEU B 425 22.19 -6.77 20.57
N ARG B 426 21.38 -5.88 19.98
CA ARG B 426 21.79 -5.18 18.76
C ARG B 426 21.53 -3.69 18.64
N ASP B 427 20.35 -3.21 18.99
CA ASP B 427 20.03 -1.78 18.84
C ASP B 427 19.77 -1.55 17.36
N PRO B 428 18.48 -1.50 16.99
CA PRO B 428 17.94 -1.32 15.64
C PRO B 428 18.49 -0.12 14.86
N PHE B 429 18.71 1.01 15.55
CA PHE B 429 19.23 2.23 14.90
C PHE B 429 20.70 2.11 14.48
N ASP B 430 21.44 1.30 15.23
CA ASP B 430 22.85 1.12 14.99
C ASP B 430 23.26 0.04 14.04
N ALA B 431 22.46 -1.03 13.95
CA ALA B 431 22.73 -2.16 13.07
C ALA B 431 22.70 -1.78 11.59
#